data_5EK0
#
_entry.id   5EK0
#
_cell.length_a   169.420
_cell.length_b   188.830
_cell.length_c   171.130
_cell.angle_alpha   90.00
_cell.angle_beta   90.00
_cell.angle_gamma   90.00
#
_symmetry.space_group_name_H-M   'C 2 2 21'
#
loop_
_entity.id
_entity.type
_entity.pdbx_description
1 polymer 'Chimera of bacterial Ion transport protein and human Sodium channel protein type 9 subunit alpha'
2 non-polymer 1,2-DIMYRISTOYL-SN-GLYCERO-3-PHOSPHOCHOLINE
3 non-polymer 3-cyano-4-[2-[2-(1-ethylazetidin-3-yl)pyrazol-3-yl]-4-(trifluoromethyl)phenoxy]-~{N}-(1,2,4-thiadiazol-5-yl)benzenesulfonamide
#
_entity_poly.entity_id   1
_entity_poly.type   'polypeptide(L)'
_entity_poly.pdbx_seq_one_letter_code
;MDYKDDDDKGSLVPRGSHMYLRITNIVESSFFTKFIIYLIVLNMVTMMVEKEGQSQHMTEVLYWINVVFIILFTIEIILR
IYVHRISFFKDPWSLFDFVVVIISIVGMFLADLIETYFVSPTLFRVIRLARIGRILRLVTAVPQMRKIVSALISVIPGML
SVIALMTLFFYIFAIMATQLFGERFPEWFGTLGESFYTLFQVMTLESWSMGIVRPLMEVYPYAWVFFIPFIFVVTFVMIN
LVVAIIVDAMAILNQKEEQHIIDEVQSHEDNINNEIIKLREEIVELKELIKTSLKN
;
_entity_poly.pdbx_strand_id   A,B,C,D
#
# COMPACT_ATOMS: atom_id res chain seq x y z
N PRO A 14 -54.63 29.14 30.74
CA PRO A 14 -53.49 30.07 30.77
C PRO A 14 -52.23 29.53 30.10
N ARG A 15 -51.18 30.39 30.02
CA ARG A 15 -49.86 30.07 29.48
C ARG A 15 -48.91 29.78 30.70
N GLY A 16 -48.66 28.51 31.02
CA GLY A 16 -49.12 27.32 30.30
C GLY A 16 -48.03 26.73 29.42
N SER A 17 -47.25 27.61 28.76
CA SER A 17 -46.13 27.26 27.88
C SER A 17 -44.77 27.46 28.58
N HIS A 18 -44.79 27.97 29.85
CA HIS A 18 -43.64 28.26 30.70
C HIS A 18 -42.67 27.09 30.86
N MET A 19 -43.18 25.88 31.16
CA MET A 19 -42.38 24.66 31.36
C MET A 19 -41.72 24.18 30.07
N TYR A 20 -42.44 24.28 28.94
CA TYR A 20 -42.01 23.85 27.60
C TYR A 20 -41.05 24.85 26.91
N LEU A 21 -40.63 25.88 27.65
CA LEU A 21 -39.67 26.91 27.27
C LEU A 21 -38.54 27.00 28.33
N ARG A 22 -38.73 26.27 29.46
CA ARG A 22 -37.80 26.15 30.57
C ARG A 22 -36.99 24.85 30.38
N ILE A 23 -37.67 23.78 29.89
CA ILE A 23 -37.09 22.46 29.61
C ILE A 23 -36.15 22.52 28.37
N THR A 24 -36.42 23.46 27.42
CA THR A 24 -35.60 23.68 26.22
C THR A 24 -34.26 24.35 26.58
N ASN A 25 -34.20 25.02 27.74
CA ASN A 25 -33.00 25.68 28.25
C ASN A 25 -32.07 24.63 28.87
N ILE A 26 -32.62 23.45 29.23
CA ILE A 26 -31.87 22.34 29.81
C ILE A 26 -31.42 21.40 28.69
N VAL A 27 -32.34 21.00 27.78
CA VAL A 27 -32.06 20.08 26.68
C VAL A 27 -31.16 20.72 25.58
N GLU A 28 -31.42 21.98 25.18
CA GLU A 28 -30.61 22.66 24.16
C GLU A 28 -29.58 23.56 24.85
N SER A 29 -28.68 22.94 25.66
CA SER A 29 -27.63 23.63 26.41
C SER A 29 -26.24 23.02 26.19
N SER A 30 -25.22 23.55 26.91
CA SER A 30 -23.84 23.06 26.86
C SER A 30 -23.70 21.86 27.78
N PHE A 31 -24.14 21.98 29.06
CA PHE A 31 -24.07 20.91 30.07
C PHE A 31 -24.64 19.58 29.57
N PHE A 32 -25.93 19.58 29.13
CA PHE A 32 -26.65 18.41 28.61
C PHE A 32 -25.83 17.70 27.54
N THR A 33 -25.49 18.41 26.43
CA THR A 33 -24.71 17.93 25.30
C THR A 33 -23.38 17.32 25.74
N LYS A 34 -22.58 18.05 26.54
CA LYS A 34 -21.29 17.57 27.06
C LYS A 34 -21.45 16.37 28.02
N PHE A 35 -22.59 16.30 28.73
CA PHE A 35 -22.91 15.22 29.67
C PHE A 35 -23.31 13.96 28.92
N ILE A 36 -24.10 14.10 27.83
CA ILE A 36 -24.55 12.97 27.00
C ILE A 36 -23.35 12.36 26.28
N ILE A 37 -22.36 13.20 25.90
CA ILE A 37 -21.10 12.76 25.31
C ILE A 37 -20.29 12.01 26.36
N TYR A 38 -20.40 12.43 27.65
CA TYR A 38 -19.74 11.75 28.77
C TYR A 38 -20.33 10.32 28.97
N LEU A 39 -21.69 10.23 29.00
CA LEU A 39 -22.44 8.98 29.19
C LEU A 39 -22.08 7.89 28.19
N ILE A 40 -21.90 8.25 26.91
CA ILE A 40 -21.53 7.33 25.85
C ILE A 40 -20.11 6.81 26.10
N VAL A 41 -19.19 7.71 26.51
CA VAL A 41 -17.80 7.37 26.84
C VAL A 41 -17.77 6.42 28.06
N LEU A 42 -18.61 6.72 29.06
CA LEU A 42 -18.75 5.92 30.29
C LEU A 42 -19.32 4.52 29.98
N ASN A 43 -20.26 4.44 29.00
CA ASN A 43 -20.87 3.20 28.55
C ASN A 43 -19.88 2.40 27.69
N MET A 44 -18.89 3.09 27.10
CA MET A 44 -17.85 2.46 26.29
C MET A 44 -16.91 1.66 27.17
N VAL A 45 -16.41 2.27 28.27
CA VAL A 45 -15.48 1.64 29.20
C VAL A 45 -16.06 0.35 29.82
N THR A 46 -17.37 0.32 30.17
CA THR A 46 -18.01 -0.89 30.71
C THR A 46 -18.05 -2.00 29.63
N MET A 47 -18.41 -1.60 28.39
CA MET A 47 -18.43 -2.52 27.26
C MET A 47 -17.00 -2.99 26.91
N MET A 48 -15.98 -2.15 27.20
CA MET A 48 -14.56 -2.42 26.98
C MET A 48 -14.00 -3.46 27.94
N VAL A 49 -14.51 -3.47 29.19
CA VAL A 49 -14.00 -4.35 30.24
C VAL A 49 -14.55 -5.81 30.13
N GLU A 50 -15.54 -6.07 29.23
CA GLU A 50 -15.99 -7.46 29.07
C GLU A 50 -15.00 -8.22 28.15
N LYS A 51 -14.56 -9.42 28.59
CA LYS A 51 -13.57 -10.20 27.84
C LYS A 51 -13.79 -11.75 27.93
N GLU A 52 -12.73 -12.53 27.58
CA GLU A 52 -12.58 -14.00 27.51
C GLU A 52 -13.59 -14.86 28.29
N GLY A 53 -13.87 -14.48 29.54
CA GLY A 53 -14.78 -15.21 30.42
C GLY A 53 -14.11 -15.56 31.74
N GLN A 54 -14.47 -14.93 32.89
CA GLN A 54 -15.51 -13.92 33.22
C GLN A 54 -16.80 -14.60 33.69
N SER A 55 -16.98 -14.64 35.03
CA SER A 55 -18.12 -15.27 35.72
C SER A 55 -19.46 -14.58 35.46
N GLN A 56 -20.58 -15.29 35.76
CA GLN A 56 -21.95 -14.78 35.64
C GLN A 56 -22.16 -13.60 36.58
N HIS A 57 -21.30 -13.46 37.63
CA HIS A 57 -21.32 -12.33 38.55
C HIS A 57 -20.84 -11.11 37.78
N MET A 58 -19.59 -11.16 37.26
CA MET A 58 -18.99 -10.08 36.46
C MET A 58 -19.81 -9.77 35.22
N THR A 59 -20.43 -10.81 34.63
CA THR A 59 -21.30 -10.68 33.47
C THR A 59 -22.63 -10.01 33.85
N GLU A 60 -23.22 -10.36 35.02
CA GLU A 60 -24.47 -9.74 35.51
C GLU A 60 -24.21 -8.27 35.92
N VAL A 61 -23.07 -8.03 36.61
CA VAL A 61 -22.60 -6.70 37.06
C VAL A 61 -22.54 -5.77 35.85
N LEU A 62 -21.80 -6.19 34.80
CA LEU A 62 -21.63 -5.46 33.55
C LEU A 62 -22.92 -5.30 32.79
N TYR A 63 -23.79 -6.33 32.85
CA TYR A 63 -25.10 -6.31 32.20
C TYR A 63 -26.02 -5.27 32.84
N TRP A 64 -26.01 -5.17 34.18
CA TRP A 64 -26.85 -4.21 34.90
C TRP A 64 -26.43 -2.75 34.68
N ILE A 65 -25.10 -2.48 34.68
CA ILE A 65 -24.53 -1.15 34.39
C ILE A 65 -25.05 -0.69 33.01
N ASN A 66 -25.10 -1.62 32.03
CA ASN A 66 -25.59 -1.37 30.68
C ASN A 66 -27.10 -1.02 30.63
N VAL A 67 -27.96 -1.76 31.40
CA VAL A 67 -29.43 -1.53 31.47
C VAL A 67 -29.72 -0.09 31.96
N VAL A 68 -28.95 0.36 32.98
CA VAL A 68 -28.98 1.70 33.56
C VAL A 68 -28.75 2.71 32.41
N PHE A 69 -27.66 2.49 31.63
CA PHE A 69 -27.28 3.29 30.46
C PHE A 69 -28.36 3.32 29.36
N ILE A 70 -29.04 2.19 29.13
CA ILE A 70 -30.12 2.07 28.13
C ILE A 70 -31.27 3.03 28.46
N ILE A 71 -31.76 3.03 29.72
CA ILE A 71 -32.86 3.93 30.11
C ILE A 71 -32.41 5.39 30.14
N LEU A 72 -31.14 5.65 30.53
CA LEU A 72 -30.50 6.97 30.57
C LEU A 72 -30.55 7.69 29.21
N PHE A 73 -30.43 6.93 28.11
CA PHE A 73 -30.46 7.46 26.75
C PHE A 73 -31.92 7.57 26.25
N THR A 74 -32.84 6.78 26.85
CA THR A 74 -34.27 6.80 26.52
C THR A 74 -34.90 8.08 27.08
N ILE A 75 -34.48 8.49 28.31
CA ILE A 75 -34.95 9.74 28.94
C ILE A 75 -34.46 10.93 28.08
N GLU A 76 -33.21 10.84 27.60
CA GLU A 76 -32.53 11.82 26.76
C GLU A 76 -33.30 12.02 25.45
N ILE A 77 -33.76 10.92 24.83
CA ILE A 77 -34.52 11.02 23.59
C ILE A 77 -35.95 11.50 23.86
N ILE A 78 -36.58 11.09 25.00
CA ILE A 78 -37.96 11.53 25.31
C ILE A 78 -37.98 13.05 25.65
N LEU A 79 -36.87 13.59 26.20
CA LEU A 79 -36.69 15.02 26.49
C LEU A 79 -36.66 15.79 25.15
N ARG A 80 -35.92 15.24 24.16
CA ARG A 80 -35.79 15.77 22.81
C ARG A 80 -37.09 15.59 22.00
N ILE A 81 -37.89 14.54 22.32
CA ILE A 81 -39.17 14.22 21.68
C ILE A 81 -40.21 15.31 21.95
N TYR A 82 -40.36 15.75 23.21
CA TYR A 82 -41.32 16.79 23.58
C TYR A 82 -40.87 18.20 23.19
N VAL A 83 -39.55 18.46 23.18
CA VAL A 83 -39.00 19.77 22.85
C VAL A 83 -38.99 20.05 21.34
N HIS A 84 -38.27 19.26 20.54
CA HIS A 84 -38.17 19.52 19.10
C HIS A 84 -39.36 18.99 18.28
N ARG A 85 -40.07 17.92 18.76
CA ARG A 85 -41.25 17.31 18.12
C ARG A 85 -40.94 16.88 16.65
N ILE A 86 -41.73 17.31 15.64
CA ILE A 86 -41.55 16.95 14.22
C ILE A 86 -40.29 17.65 13.62
N SER A 87 -39.73 18.64 14.35
CA SER A 87 -38.48 19.32 13.97
C SER A 87 -37.27 18.39 14.26
N PHE A 88 -37.43 17.40 15.18
CA PHE A 88 -36.41 16.39 15.46
C PHE A 88 -36.43 15.38 14.31
N PHE A 89 -37.64 14.99 13.87
CA PHE A 89 -37.91 14.06 12.78
C PHE A 89 -37.23 14.49 11.48
N LYS A 90 -37.27 15.79 11.16
CA LYS A 90 -36.65 16.35 9.96
C LYS A 90 -35.11 16.31 10.04
N ASP A 91 -34.53 16.16 11.26
CA ASP A 91 -33.09 16.06 11.45
C ASP A 91 -32.64 14.58 11.40
N PRO A 92 -31.68 14.22 10.49
CA PRO A 92 -31.25 12.82 10.39
C PRO A 92 -30.45 12.32 11.60
N TRP A 93 -29.58 13.19 12.17
CA TRP A 93 -28.75 12.92 13.35
C TRP A 93 -29.60 12.71 14.62
N SER A 94 -30.79 13.36 14.67
CA SER A 94 -31.77 13.26 15.77
C SER A 94 -32.62 12.01 15.57
N LEU A 95 -33.00 11.70 14.31
CA LEU A 95 -33.80 10.53 13.93
C LEU A 95 -33.04 9.25 14.28
N PHE A 96 -31.76 9.17 13.86
CA PHE A 96 -30.82 8.06 14.10
C PHE A 96 -30.65 7.78 15.60
N ASP A 97 -30.53 8.85 16.41
CA ASP A 97 -30.39 8.81 17.87
C ASP A 97 -31.54 7.99 18.48
N PHE A 98 -32.77 8.21 17.96
CA PHE A 98 -34.00 7.52 18.37
C PHE A 98 -33.96 6.05 17.90
N VAL A 99 -33.41 5.81 16.68
CA VAL A 99 -33.27 4.47 16.09
C VAL A 99 -32.35 3.61 16.99
N VAL A 100 -31.27 4.22 17.52
CA VAL A 100 -30.31 3.61 18.44
C VAL A 100 -31.03 3.16 19.73
N VAL A 101 -31.87 4.06 20.29
CA VAL A 101 -32.66 3.85 21.51
C VAL A 101 -33.60 2.65 21.37
N ILE A 102 -34.36 2.59 20.24
CA ILE A 102 -35.31 1.51 19.97
C ILE A 102 -34.58 0.17 19.71
N ILE A 103 -33.30 0.21 19.28
CA ILE A 103 -32.44 -0.96 19.03
C ILE A 103 -31.87 -1.46 20.38
N SER A 104 -31.37 -0.52 21.20
CA SER A 104 -30.78 -0.81 22.52
C SER A 104 -31.80 -1.36 23.52
N ILE A 105 -33.11 -1.20 23.24
CA ILE A 105 -34.22 -1.68 24.07
C ILE A 105 -34.65 -3.08 23.57
N VAL A 106 -34.96 -3.20 22.25
CA VAL A 106 -35.34 -4.46 21.62
C VAL A 106 -34.23 -5.49 21.88
N GLY A 107 -33.00 -5.13 21.53
CA GLY A 107 -31.81 -5.96 21.72
C GLY A 107 -31.67 -6.46 23.15
N MET A 108 -31.86 -5.53 24.13
CA MET A 108 -31.80 -5.78 25.58
C MET A 108 -32.75 -6.92 25.98
N PHE A 109 -33.96 -6.90 25.41
CA PHE A 109 -34.97 -7.91 25.71
C PHE A 109 -34.78 -9.19 24.91
N LEU A 110 -34.57 -9.06 23.58
CA LEU A 110 -34.37 -10.19 22.66
C LEU A 110 -33.18 -11.07 23.06
N ALA A 111 -32.05 -10.46 23.49
CA ALA A 111 -30.87 -11.20 23.95
C ALA A 111 -31.18 -11.91 25.26
N ASP A 112 -31.88 -11.23 26.21
CA ASP A 112 -32.30 -11.76 27.51
C ASP A 112 -33.25 -12.94 27.33
N LEU A 113 -34.13 -12.88 26.30
CA LEU A 113 -35.08 -13.93 25.96
C LEU A 113 -34.33 -15.22 25.55
N ILE A 114 -33.28 -15.10 24.71
CA ILE A 114 -32.42 -16.19 24.22
C ILE A 114 -31.55 -16.75 25.39
N GLU A 115 -31.33 -15.94 26.43
CA GLU A 115 -30.59 -16.31 27.63
C GLU A 115 -31.49 -17.09 28.62
N THR A 116 -32.80 -16.72 28.70
CA THR A 116 -33.80 -17.36 29.56
C THR A 116 -34.09 -18.76 29.02
N TYR A 117 -34.57 -18.85 27.77
CA TYR A 117 -34.84 -20.10 27.05
C TYR A 117 -33.57 -20.31 26.24
N PHE A 118 -32.63 -21.09 26.84
CA PHE A 118 -31.25 -21.40 26.41
C PHE A 118 -31.09 -21.97 24.96
N VAL A 119 -32.12 -21.83 24.11
CA VAL A 119 -32.11 -22.25 22.71
C VAL A 119 -31.30 -21.20 21.91
N SER A 120 -30.23 -21.68 21.22
CA SER A 120 -29.26 -21.01 20.33
C SER A 120 -28.21 -20.10 21.06
N PRO A 121 -27.07 -20.67 21.52
CA PRO A 121 -26.04 -19.81 22.14
C PRO A 121 -25.21 -19.04 21.11
N THR A 122 -25.27 -19.50 19.84
CA THR A 122 -24.57 -18.92 18.70
C THR A 122 -25.32 -17.67 18.17
N LEU A 123 -26.66 -17.69 18.23
CA LEU A 123 -27.51 -16.56 17.80
C LEU A 123 -27.42 -15.43 18.83
N PHE A 124 -27.19 -15.79 20.12
CA PHE A 124 -27.08 -14.86 21.24
C PHE A 124 -26.00 -13.81 21.01
N ARG A 125 -24.74 -14.23 20.72
CA ARG A 125 -23.61 -13.32 20.47
C ARG A 125 -23.84 -12.39 19.26
N VAL A 126 -24.68 -12.82 18.30
CA VAL A 126 -25.01 -12.05 17.11
C VAL A 126 -26.00 -10.94 17.48
N ILE A 127 -27.13 -11.29 18.13
CA ILE A 127 -28.18 -10.33 18.57
C ILE A 127 -27.60 -9.29 19.55
N ARG A 128 -26.82 -9.78 20.54
CA ARG A 128 -26.13 -9.00 21.58
C ARG A 128 -25.23 -7.88 20.99
N LEU A 129 -24.93 -7.92 19.67
CA LEU A 129 -24.13 -6.90 18.97
C LEU A 129 -24.88 -5.56 18.86
N ALA A 130 -26.19 -5.53 19.24
CA ALA A 130 -27.06 -4.36 19.25
C ALA A 130 -26.50 -3.25 20.17
N ARG A 131 -25.85 -3.66 21.28
CA ARG A 131 -25.21 -2.81 22.29
C ARG A 131 -24.22 -1.81 21.70
N ILE A 132 -23.72 -2.11 20.49
CA ILE A 132 -22.76 -1.29 19.76
C ILE A 132 -23.43 0.01 19.27
N GLY A 133 -24.74 -0.03 19.02
CA GLY A 133 -25.51 1.14 18.63
C GLY A 133 -25.36 2.28 19.62
N ARG A 134 -25.34 1.95 20.94
CA ARG A 134 -25.17 2.89 22.05
C ARG A 134 -23.88 3.71 21.94
N ILE A 135 -22.76 3.04 21.57
CA ILE A 135 -21.43 3.66 21.45
C ILE A 135 -21.08 4.01 20.00
N LEU A 136 -21.89 3.53 19.02
CA LEU A 136 -21.75 3.81 17.60
C LEU A 136 -22.12 5.26 17.42
N ARG A 137 -23.08 5.72 18.26
CA ARG A 137 -23.60 7.08 18.35
C ARG A 137 -22.50 8.10 18.75
N LEU A 138 -21.34 7.64 19.29
CA LEU A 138 -20.24 8.53 19.68
C LEU A 138 -19.69 9.38 18.52
N VAL A 139 -19.60 8.81 17.30
CA VAL A 139 -19.11 9.56 16.13
C VAL A 139 -20.09 10.67 15.71
N THR A 140 -21.43 10.44 15.88
CA THR A 140 -22.45 11.43 15.52
C THR A 140 -22.76 12.42 16.68
N ALA A 141 -22.56 12.01 17.95
CA ALA A 141 -22.82 12.87 19.09
C ALA A 141 -21.81 14.01 19.21
N VAL A 142 -20.52 13.70 19.47
CA VAL A 142 -19.45 14.70 19.62
C VAL A 142 -19.19 15.44 18.29
N PRO A 143 -19.23 16.81 18.28
CA PRO A 143 -18.95 17.55 17.04
C PRO A 143 -17.46 17.46 16.66
N GLN A 144 -17.15 17.81 15.38
CA GLN A 144 -15.83 17.72 14.74
C GLN A 144 -15.63 16.27 14.25
N MET A 145 -16.20 15.29 14.98
CA MET A 145 -16.22 13.87 14.66
C MET A 145 -17.36 13.64 13.69
N ARG A 146 -18.50 14.35 13.87
CA ARG A 146 -19.65 14.30 12.98
C ARG A 146 -19.30 15.08 11.70
N LYS A 147 -18.43 16.12 11.85
CA LYS A 147 -17.92 16.98 10.78
C LYS A 147 -17.14 16.14 9.77
N ILE A 148 -16.10 15.43 10.24
CA ILE A 148 -15.23 14.56 9.43
C ILE A 148 -16.01 13.38 8.87
N VAL A 149 -16.94 12.79 9.67
CA VAL A 149 -17.80 11.68 9.26
C VAL A 149 -18.61 12.07 8.03
N SER A 150 -19.16 13.31 8.03
CA SER A 150 -19.95 13.88 6.94
C SER A 150 -19.04 14.28 5.77
N ALA A 151 -17.79 14.65 6.07
CA ALA A 151 -16.79 15.05 5.07
C ALA A 151 -16.32 13.82 4.28
N LEU A 152 -16.20 12.67 4.95
CA LEU A 152 -15.81 11.39 4.33
C LEU A 152 -17.01 10.85 3.54
N ILE A 153 -18.21 10.96 4.13
CA ILE A 153 -19.49 10.55 3.56
C ILE A 153 -19.78 11.31 2.26
N SER A 154 -19.22 12.53 2.12
CA SER A 154 -19.37 13.36 0.93
C SER A 154 -18.35 13.04 -0.17
N VAL A 155 -17.40 12.11 0.10
CA VAL A 155 -16.38 11.68 -0.85
C VAL A 155 -16.90 10.51 -1.73
N ILE A 156 -17.57 9.51 -1.09
CA ILE A 156 -18.14 8.29 -1.69
C ILE A 156 -19.15 8.52 -2.86
N PRO A 157 -19.96 9.62 -2.98
CA PRO A 157 -20.88 9.73 -4.13
C PRO A 157 -20.18 9.83 -5.49
N GLY A 158 -19.07 10.56 -5.56
CA GLY A 158 -18.31 10.72 -6.80
C GLY A 158 -17.57 9.45 -7.18
N MET A 159 -16.95 8.85 -6.16
CA MET A 159 -16.21 7.61 -6.12
C MET A 159 -17.05 6.40 -6.62
N LEU A 160 -18.39 6.46 -6.42
CA LEU A 160 -19.43 5.48 -6.72
C LEU A 160 -19.37 4.81 -8.10
N SER A 161 -19.01 5.55 -9.16
CA SER A 161 -18.95 5.00 -10.52
C SER A 161 -17.74 4.10 -10.74
N VAL A 162 -16.60 4.44 -10.10
CA VAL A 162 -15.35 3.65 -10.15
C VAL A 162 -15.62 2.33 -9.40
N ILE A 163 -16.22 2.42 -8.18
CA ILE A 163 -16.60 1.29 -7.31
C ILE A 163 -17.51 0.34 -8.10
N ALA A 164 -18.55 0.89 -8.76
CA ALA A 164 -19.49 0.12 -9.58
C ALA A 164 -18.75 -0.65 -10.67
N LEU A 165 -17.72 -0.03 -11.29
CA LEU A 165 -16.90 -0.69 -12.31
C LEU A 165 -16.05 -1.79 -11.68
N MET A 166 -15.42 -1.48 -10.53
CA MET A 166 -14.58 -2.40 -9.75
C MET A 166 -15.37 -3.64 -9.35
N THR A 167 -16.64 -3.47 -8.94
CA THR A 167 -17.56 -4.53 -8.57
C THR A 167 -17.84 -5.42 -9.78
N LEU A 168 -18.11 -4.78 -10.96
CA LEU A 168 -18.40 -5.48 -12.21
C LEU A 168 -17.20 -6.34 -12.63
N PHE A 169 -16.00 -5.77 -12.53
CA PHE A 169 -14.74 -6.45 -12.83
C PHE A 169 -14.57 -7.65 -11.93
N PHE A 170 -15.07 -7.56 -10.68
CA PHE A 170 -15.04 -8.66 -9.74
C PHE A 170 -16.01 -9.77 -10.12
N TYR A 171 -17.19 -9.42 -10.70
CA TYR A 171 -18.20 -10.38 -11.13
C TYR A 171 -17.73 -11.22 -12.33
N ILE A 172 -17.10 -10.57 -13.33
CA ILE A 172 -16.57 -11.23 -14.54
C ILE A 172 -15.35 -12.09 -14.19
N PHE A 173 -14.46 -11.59 -13.31
CA PHE A 173 -13.31 -12.35 -12.87
C PHE A 173 -13.72 -13.51 -11.94
N ALA A 174 -14.81 -13.32 -11.16
CA ALA A 174 -15.32 -14.34 -10.25
C ALA A 174 -16.02 -15.49 -10.96
N ILE A 175 -16.74 -15.20 -12.08
CA ILE A 175 -17.40 -16.27 -12.86
C ILE A 175 -16.33 -17.08 -13.64
N MET A 176 -15.17 -16.47 -13.90
CA MET A 176 -14.02 -17.04 -14.60
C MET A 176 -13.19 -17.93 -13.70
N ALA A 177 -12.99 -17.51 -12.44
CA ALA A 177 -12.19 -18.25 -11.45
C ALA A 177 -12.86 -19.57 -11.07
N THR A 178 -14.20 -19.53 -10.85
CA THR A 178 -15.05 -20.66 -10.50
C THR A 178 -15.08 -21.67 -11.65
N GLN A 179 -15.11 -21.15 -12.90
CA GLN A 179 -15.14 -21.95 -14.13
C GLN A 179 -13.86 -22.75 -14.32
N LEU A 180 -12.69 -22.10 -14.18
CA LEU A 180 -11.41 -22.77 -14.41
C LEU A 180 -10.97 -23.69 -13.27
N PHE A 181 -10.44 -23.09 -12.19
CA PHE A 181 -9.89 -23.76 -11.01
C PHE A 181 -10.96 -24.03 -9.94
N GLY A 182 -12.05 -24.67 -10.34
CA GLY A 182 -13.17 -24.98 -9.45
C GLY A 182 -13.24 -26.45 -9.09
N GLU A 183 -12.89 -27.32 -10.04
CA GLU A 183 -12.93 -28.76 -9.86
C GLU A 183 -11.82 -29.22 -8.92
N ARG A 184 -10.56 -28.87 -9.25
CA ARG A 184 -9.37 -29.26 -8.48
C ARG A 184 -9.14 -28.42 -7.21
N PHE A 185 -9.60 -27.15 -7.19
CA PHE A 185 -9.50 -26.27 -6.02
C PHE A 185 -10.88 -25.75 -5.58
N PRO A 186 -11.78 -26.58 -5.00
CA PRO A 186 -13.09 -26.05 -4.58
C PRO A 186 -13.02 -25.23 -3.29
N GLU A 187 -11.88 -25.37 -2.56
CA GLU A 187 -11.58 -24.70 -1.29
C GLU A 187 -11.61 -23.18 -1.43
N TRP A 188 -11.04 -22.65 -2.53
CA TRP A 188 -10.95 -21.22 -2.77
C TRP A 188 -11.92 -20.74 -3.82
N PHE A 189 -12.00 -21.43 -4.99
CA PHE A 189 -12.85 -21.05 -6.12
C PHE A 189 -13.94 -22.11 -6.43
N GLY A 190 -14.59 -22.62 -5.39
CA GLY A 190 -15.64 -23.63 -5.54
C GLY A 190 -16.94 -23.08 -6.06
N THR A 191 -17.46 -22.05 -5.39
CA THR A 191 -18.68 -21.37 -5.77
C THR A 191 -18.31 -19.98 -6.25
N LEU A 192 -19.28 -19.25 -6.80
CA LEU A 192 -19.09 -17.89 -7.27
C LEU A 192 -18.64 -17.00 -6.10
N GLY A 193 -19.33 -17.14 -4.97
CA GLY A 193 -19.05 -16.39 -3.74
C GLY A 193 -17.68 -16.68 -3.17
N GLU A 194 -17.20 -17.93 -3.33
CA GLU A 194 -15.89 -18.37 -2.88
C GLU A 194 -14.80 -17.66 -3.67
N SER A 195 -15.00 -17.54 -5.01
CA SER A 195 -14.09 -16.87 -5.94
C SER A 195 -13.98 -15.40 -5.60
N PHE A 196 -15.11 -14.77 -5.24
CA PHE A 196 -15.19 -13.36 -4.84
C PHE A 196 -14.24 -13.07 -3.67
N TYR A 197 -14.23 -13.95 -2.66
CA TYR A 197 -13.37 -13.84 -1.48
C TYR A 197 -11.87 -13.97 -1.84
N THR A 198 -11.49 -15.07 -2.53
CA THR A 198 -10.11 -15.36 -2.96
C THR A 198 -9.57 -14.28 -3.91
N LEU A 199 -10.42 -13.75 -4.79
CA LEU A 199 -10.00 -12.68 -5.68
C LEU A 199 -9.85 -11.37 -4.93
N PHE A 200 -10.59 -11.18 -3.81
CA PHE A 200 -10.43 -9.98 -2.99
C PHE A 200 -9.12 -10.12 -2.21
N GLN A 201 -8.81 -11.33 -1.73
CA GLN A 201 -7.57 -11.63 -1.00
C GLN A 201 -6.36 -11.37 -1.90
N VAL A 202 -6.45 -11.83 -3.15
CA VAL A 202 -5.43 -11.69 -4.20
C VAL A 202 -5.28 -10.19 -4.54
N MET A 203 -6.38 -9.42 -4.52
CA MET A 203 -6.41 -7.99 -4.79
C MET A 203 -5.69 -7.24 -3.68
N THR A 204 -5.99 -7.57 -2.40
CA THR A 204 -5.36 -6.99 -1.22
C THR A 204 -3.91 -7.49 -1.07
N LEU A 205 -3.50 -8.39 -2.01
CA LEU A 205 -2.18 -9.01 -2.16
C LEU A 205 -1.75 -9.89 -1.00
N GLU A 206 -2.67 -10.25 -0.08
CA GLU A 206 -2.32 -11.07 1.07
C GLU A 206 -2.08 -12.52 0.65
N SER A 207 -0.82 -13.00 0.80
CA SER A 207 -0.37 -14.33 0.40
C SER A 207 -0.91 -14.77 -0.97
N TRP A 208 -0.99 -13.82 -1.93
CA TRP A 208 -1.53 -14.08 -3.28
C TRP A 208 -0.76 -15.17 -4.00
N SER A 209 0.58 -15.15 -3.93
CA SER A 209 1.40 -16.14 -4.63
C SER A 209 1.87 -17.28 -3.74
N MET A 210 2.54 -16.99 -2.62
CA MET A 210 3.05 -18.04 -1.75
C MET A 210 1.96 -18.96 -1.24
N GLY A 211 0.74 -18.39 -1.14
CA GLY A 211 -0.45 -19.08 -0.66
C GLY A 211 -1.44 -19.59 -1.69
N ILE A 212 -1.71 -18.82 -2.80
CA ILE A 212 -2.74 -19.19 -3.78
C ILE A 212 -2.22 -19.47 -5.21
N VAL A 213 -1.57 -18.50 -5.89
CA VAL A 213 -1.17 -18.62 -7.30
C VAL A 213 -0.07 -19.69 -7.52
N ARG A 214 0.91 -19.85 -6.59
CA ARG A 214 1.97 -20.88 -6.72
C ARG A 214 1.42 -22.32 -6.58
N PRO A 215 0.61 -22.68 -5.54
CA PRO A 215 0.05 -24.05 -5.49
C PRO A 215 -0.83 -24.37 -6.70
N LEU A 216 -1.57 -23.36 -7.21
CA LEU A 216 -2.43 -23.46 -8.38
C LEU A 216 -1.65 -23.79 -9.65
N MET A 217 -0.34 -23.47 -9.66
CA MET A 217 0.56 -23.69 -10.77
C MET A 217 1.19 -25.07 -10.80
N GLU A 218 0.90 -25.90 -9.79
CA GLU A 218 1.37 -27.28 -9.75
C GLU A 218 0.39 -28.08 -10.60
N VAL A 219 -0.93 -27.82 -10.41
CA VAL A 219 -2.04 -28.44 -11.13
C VAL A 219 -2.09 -27.84 -12.54
N TYR A 220 -2.48 -26.56 -12.66
CA TYR A 220 -2.58 -25.81 -13.92
C TYR A 220 -1.36 -24.85 -14.00
N PRO A 221 -0.26 -25.21 -14.70
CA PRO A 221 0.93 -24.33 -14.67
C PRO A 221 0.79 -22.95 -15.33
N TYR A 222 -0.19 -22.75 -16.23
CA TYR A 222 -0.40 -21.45 -16.87
C TYR A 222 -1.54 -20.69 -16.17
N ALA A 223 -1.72 -20.90 -14.84
CA ALA A 223 -2.76 -20.25 -14.03
C ALA A 223 -2.47 -18.76 -13.78
N TRP A 224 -1.18 -18.40 -13.73
CA TRP A 224 -0.69 -17.03 -13.51
C TRP A 224 -1.14 -16.08 -14.61
N VAL A 225 -1.45 -16.61 -15.82
CA VAL A 225 -1.92 -15.80 -16.95
C VAL A 225 -3.29 -15.20 -16.63
N PHE A 226 -3.99 -15.75 -15.61
CA PHE A 226 -5.27 -15.25 -15.15
C PHE A 226 -5.08 -14.27 -13.99
N PHE A 227 -4.08 -14.53 -13.13
CA PHE A 227 -3.87 -13.73 -11.94
C PHE A 227 -2.98 -12.50 -12.14
N ILE A 228 -1.89 -12.57 -12.93
CA ILE A 228 -1.05 -11.38 -13.18
C ILE A 228 -1.91 -10.27 -13.81
N PRO A 229 -2.65 -10.50 -14.93
CA PRO A 229 -3.57 -9.46 -15.44
C PRO A 229 -4.62 -9.02 -14.42
N PHE A 230 -5.18 -9.95 -13.60
CA PHE A 230 -6.14 -9.58 -12.56
C PHE A 230 -5.51 -8.60 -11.59
N ILE A 231 -4.28 -8.92 -11.09
CA ILE A 231 -3.49 -8.07 -10.18
C ILE A 231 -3.15 -6.72 -10.84
N PHE A 232 -3.04 -6.67 -12.18
CA PHE A 232 -2.80 -5.42 -12.89
C PHE A 232 -4.08 -4.61 -12.98
N VAL A 233 -5.17 -5.22 -13.51
CA VAL A 233 -6.49 -4.62 -13.69
C VAL A 233 -7.06 -4.03 -12.40
N VAL A 234 -7.05 -4.83 -11.31
CA VAL A 234 -7.59 -4.39 -10.02
C VAL A 234 -6.80 -3.23 -9.46
N THR A 235 -5.45 -3.30 -9.51
CA THR A 235 -4.53 -2.26 -9.03
C THR A 235 -4.66 -0.99 -9.88
N PHE A 236 -4.93 -1.15 -11.20
CA PHE A 236 -5.13 -0.03 -12.11
C PHE A 236 -6.42 0.68 -11.74
N VAL A 237 -7.53 -0.06 -11.51
CA VAL A 237 -8.80 0.55 -11.13
C VAL A 237 -8.68 1.17 -9.73
N MET A 238 -7.92 0.52 -8.83
CA MET A 238 -7.71 1.01 -7.47
C MET A 238 -6.94 2.32 -7.41
N ILE A 239 -5.79 2.40 -8.12
CA ILE A 239 -4.96 3.61 -8.17
C ILE A 239 -5.81 4.79 -8.64
N ASN A 240 -6.54 4.61 -9.76
CA ASN A 240 -7.43 5.60 -10.36
C ASN A 240 -8.54 6.06 -9.41
N LEU A 241 -8.96 5.17 -8.49
CA LEU A 241 -9.98 5.49 -7.49
C LEU A 241 -9.39 6.46 -6.46
N VAL A 242 -8.15 6.17 -6.00
CA VAL A 242 -7.39 6.98 -5.03
C VAL A 242 -7.02 8.34 -5.64
N VAL A 243 -6.68 8.34 -6.95
CA VAL A 243 -6.35 9.53 -7.73
C VAL A 243 -7.61 10.37 -7.89
N ALA A 244 -8.78 9.71 -8.05
CA ALA A 244 -10.07 10.39 -8.15
C ALA A 244 -10.40 11.16 -6.88
N ILE A 245 -10.05 10.61 -5.68
CA ILE A 245 -10.27 11.23 -4.35
C ILE A 245 -9.52 12.56 -4.30
N ILE A 246 -8.29 12.58 -4.86
CA ILE A 246 -7.42 13.76 -4.93
C ILE A 246 -8.08 14.83 -5.83
N VAL A 247 -8.62 14.42 -7.00
CA VAL A 247 -9.28 15.30 -7.97
C VAL A 247 -10.65 15.79 -7.44
N ASP A 248 -11.33 14.97 -6.62
CA ASP A 248 -12.60 15.27 -5.96
C ASP A 248 -12.33 16.37 -4.91
N ALA A 249 -11.17 16.30 -4.23
CA ALA A 249 -10.71 17.24 -3.22
C ALA A 249 -10.18 18.55 -3.83
N MET A 250 -9.50 18.46 -5.00
CA MET A 250 -8.95 19.62 -5.71
C MET A 250 -10.03 20.42 -6.45
N ALA A 251 -11.27 19.90 -6.46
CA ALA A 251 -12.45 20.56 -7.05
C ALA A 251 -12.89 21.69 -6.11
N ILE A 252 -12.64 21.50 -4.79
CA ILE A 252 -12.95 22.47 -3.73
C ILE A 252 -11.95 23.64 -3.79
N LEU A 253 -10.63 23.33 -3.84
CA LEU A 253 -9.53 24.31 -3.89
C LEU A 253 -9.52 25.21 -5.13
N ASN A 254 -9.69 24.65 -6.33
CA ASN A 254 -9.69 25.42 -7.57
C ASN A 254 -10.93 26.30 -7.75
N GLN A 255 -12.05 26.00 -7.06
CA GLN A 255 -13.31 26.76 -7.15
C GLN A 255 -13.38 27.94 -6.18
N LYS A 256 -12.84 27.78 -4.95
CA LYS A 256 -12.79 28.84 -3.94
C LYS A 256 -11.81 29.93 -4.37
N GLU A 257 -10.68 29.51 -4.97
CA GLU A 257 -9.62 30.37 -5.51
C GLU A 257 -10.13 31.14 -6.74
N GLU A 258 -10.96 30.47 -7.59
CA GLU A 258 -11.56 30.97 -8.83
C GLU A 258 -12.35 32.27 -8.65
N GLN A 259 -13.36 32.28 -7.74
CA GLN A 259 -14.22 33.43 -7.43
C GLN A 259 -13.44 34.64 -6.87
N HIS A 260 -12.36 34.37 -6.10
CA HIS A 260 -11.49 35.36 -5.49
C HIS A 260 -10.76 36.15 -6.58
N ILE A 261 -10.32 35.46 -7.64
CA ILE A 261 -9.60 36.04 -8.77
C ILE A 261 -10.54 36.87 -9.69
N ILE A 262 -11.87 36.56 -9.68
CA ILE A 262 -12.87 37.26 -10.50
C ILE A 262 -12.95 38.79 -10.16
N ASP A 263 -13.29 39.14 -8.89
CA ASP A 263 -13.43 40.53 -8.39
C ASP A 263 -14.51 41.34 -9.15
N MET B 19 35.37 39.55 31.00
CA MET B 19 35.38 38.23 31.63
C MET B 19 34.49 37.25 30.84
N TYR B 20 34.89 35.95 30.83
CA TYR B 20 34.23 34.77 30.21
C TYR B 20 33.87 34.94 28.70
N LEU B 21 34.22 36.08 28.06
CA LEU B 21 33.92 36.35 26.63
C LEU B 21 34.57 35.34 25.69
N ARG B 22 35.73 34.79 26.07
CA ARG B 22 36.46 33.77 25.30
C ARG B 22 35.62 32.47 25.21
N ILE B 23 34.90 32.14 26.31
CA ILE B 23 33.97 31.00 26.42
C ILE B 23 32.72 31.32 25.58
N THR B 24 32.15 32.54 25.73
CA THR B 24 30.98 33.06 24.99
C THR B 24 31.19 33.00 23.46
N ASN B 25 32.47 32.88 23.04
CA ASN B 25 32.87 32.77 21.64
C ASN B 25 33.03 31.32 21.20
N ILE B 26 33.46 30.42 22.11
CA ILE B 26 33.58 28.98 21.84
C ILE B 26 32.14 28.44 21.75
N VAL B 27 31.50 28.20 22.92
CA VAL B 27 30.12 27.73 23.00
C VAL B 27 29.21 28.77 22.34
N GLU B 28 28.40 28.31 21.36
CA GLU B 28 27.51 29.12 20.52
C GLU B 28 28.38 29.88 19.49
N SER B 29 28.83 29.13 18.46
CA SER B 29 29.65 29.59 17.33
C SER B 29 29.28 28.76 16.09
N SER B 30 30.29 28.32 15.32
CA SER B 30 30.15 27.48 14.13
C SER B 30 30.92 26.18 14.38
N PHE B 31 32.19 26.29 14.83
CA PHE B 31 33.07 25.16 15.15
C PHE B 31 32.50 24.31 16.28
N PHE B 32 32.12 24.94 17.41
CA PHE B 32 31.58 24.25 18.58
C PHE B 32 30.28 23.53 18.21
N THR B 33 29.39 24.23 17.46
CA THR B 33 28.11 23.72 16.96
C THR B 33 28.35 22.41 16.21
N LYS B 34 29.32 22.41 15.27
CA LYS B 34 29.77 21.29 14.43
C LYS B 34 30.45 20.17 15.24
N PHE B 35 31.28 20.55 16.23
CA PHE B 35 32.01 19.60 17.07
C PHE B 35 31.10 18.71 17.92
N ILE B 36 29.96 19.25 18.40
CA ILE B 36 29.02 18.49 19.21
C ILE B 36 28.34 17.42 18.34
N ILE B 37 28.07 17.73 17.04
CA ILE B 37 27.50 16.78 16.06
C ILE B 37 28.47 15.61 15.97
N TYR B 38 29.78 15.92 15.75
CA TYR B 38 30.89 14.97 15.66
C TYR B 38 30.91 14.00 16.85
N LEU B 39 30.66 14.50 18.07
CA LEU B 39 30.62 13.66 19.27
C LEU B 39 29.37 12.80 19.30
N ILE B 40 28.20 13.35 18.90
CA ILE B 40 26.91 12.65 18.84
C ILE B 40 27.03 11.47 17.87
N VAL B 41 27.64 11.72 16.69
CA VAL B 41 27.92 10.75 15.64
C VAL B 41 28.91 9.68 16.12
N LEU B 42 29.97 10.10 16.84
CA LEU B 42 30.97 9.17 17.37
C LEU B 42 30.42 8.30 18.48
N ASN B 43 29.42 8.80 19.23
CA ASN B 43 28.77 8.03 20.28
C ASN B 43 27.79 7.02 19.66
N MET B 44 27.29 7.30 18.44
CA MET B 44 26.38 6.41 17.71
C MET B 44 27.12 5.18 17.19
N VAL B 45 28.35 5.39 16.69
CA VAL B 45 29.24 4.36 16.16
C VAL B 45 29.65 3.38 17.27
N THR B 46 29.83 3.85 18.53
CA THR B 46 30.15 2.97 19.66
C THR B 46 28.88 2.20 20.11
N MET B 47 27.69 2.79 19.86
CA MET B 47 26.40 2.17 20.15
C MET B 47 26.01 1.19 19.00
N MET B 48 26.74 1.27 17.86
CA MET B 48 26.61 0.41 16.68
C MET B 48 27.49 -0.85 16.83
N VAL B 49 28.33 -0.91 17.91
CA VAL B 49 29.21 -2.06 18.19
C VAL B 49 28.47 -3.06 19.10
N GLU B 50 27.13 -2.96 19.16
CA GLU B 50 26.26 -3.85 19.92
C GLU B 50 26.17 -5.18 19.17
N LYS B 51 26.69 -6.24 19.80
CA LYS B 51 26.73 -7.59 19.24
C LYS B 51 25.97 -8.57 20.14
N GLU B 52 25.68 -9.76 19.60
CA GLU B 52 24.98 -10.84 20.30
C GLU B 52 25.87 -11.50 21.36
N GLY B 53 27.19 -11.54 21.11
CA GLY B 53 28.23 -12.13 21.94
C GLY B 53 28.12 -11.99 23.44
N GLN B 54 28.74 -10.97 24.07
CA GLN B 54 29.54 -9.92 23.44
C GLN B 54 30.97 -9.93 24.01
N SER B 55 31.16 -10.64 25.15
CA SER B 55 32.38 -10.83 25.98
C SER B 55 32.44 -9.81 27.12
N GLN B 56 32.79 -10.27 28.33
CA GLN B 56 32.89 -9.44 29.55
C GLN B 56 33.78 -8.20 29.32
N HIS B 57 34.88 -8.37 28.56
CA HIS B 57 35.81 -7.30 28.21
C HIS B 57 35.10 -6.20 27.40
N MET B 58 34.59 -6.56 26.20
CA MET B 58 33.91 -5.69 25.24
C MET B 58 32.68 -4.94 25.82
N THR B 59 31.85 -5.62 26.63
CA THR B 59 30.66 -5.00 27.23
C THR B 59 31.06 -3.86 28.18
N GLU B 60 32.05 -4.10 29.07
CA GLU B 60 32.57 -3.10 30.00
C GLU B 60 33.35 -1.99 29.29
N VAL B 61 34.08 -2.36 28.20
CA VAL B 61 34.87 -1.43 27.35
C VAL B 61 33.91 -0.39 26.75
N LEU B 62 32.79 -0.86 26.15
CA LEU B 62 31.74 -0.05 25.53
C LEU B 62 31.06 0.83 26.58
N TYR B 63 30.76 0.25 27.76
CA TYR B 63 30.14 0.94 28.89
C TYR B 63 31.00 2.15 29.32
N TRP B 64 32.34 1.96 29.43
CA TRP B 64 33.29 3.00 29.80
C TRP B 64 33.43 4.10 28.74
N ILE B 65 33.41 3.75 27.43
CA ILE B 65 33.48 4.72 26.32
C ILE B 65 32.29 5.69 26.42
N ASN B 66 31.09 5.15 26.71
CA ASN B 66 29.87 5.93 26.88
C ASN B 66 29.99 6.87 28.07
N VAL B 67 30.59 6.39 29.20
CA VAL B 67 30.83 7.17 30.44
C VAL B 67 31.56 8.47 30.07
N VAL B 68 32.64 8.34 29.27
CA VAL B 68 33.47 9.43 28.74
C VAL B 68 32.59 10.45 27.99
N PHE B 69 31.73 9.96 27.05
CA PHE B 69 30.79 10.75 26.25
C PHE B 69 29.75 11.50 27.11
N ILE B 70 29.15 10.80 28.10
CA ILE B 70 28.17 11.36 29.04
C ILE B 70 28.80 12.55 29.78
N ILE B 71 30.08 12.40 30.24
CA ILE B 71 30.88 13.45 30.90
C ILE B 71 31.02 14.65 29.95
N LEU B 72 31.52 14.40 28.71
CA LEU B 72 31.70 15.39 27.65
C LEU B 72 30.39 16.15 27.36
N PHE B 73 29.24 15.43 27.32
CA PHE B 73 27.91 16.01 27.07
C PHE B 73 27.39 16.85 28.25
N THR B 74 27.79 16.47 29.48
CA THR B 74 27.42 17.20 30.69
C THR B 74 28.25 18.50 30.73
N ILE B 75 29.55 18.42 30.33
CA ILE B 75 30.48 19.54 30.21
C ILE B 75 29.89 20.50 29.17
N GLU B 76 29.41 19.94 28.04
CA GLU B 76 28.76 20.61 26.92
C GLU B 76 27.53 21.41 27.35
N ILE B 77 26.66 20.84 28.21
CA ILE B 77 25.48 21.57 28.68
C ILE B 77 25.85 22.59 29.77
N ILE B 78 26.93 22.34 30.56
CA ILE B 78 27.42 23.26 31.60
C ILE B 78 27.80 24.61 30.97
N LEU B 79 28.62 24.59 29.91
CA LEU B 79 29.05 25.78 29.15
C LEU B 79 27.83 26.48 28.54
N ARG B 80 26.93 25.69 27.89
CA ARG B 80 25.71 26.13 27.21
C ARG B 80 24.73 26.91 28.08
N ILE B 81 24.51 26.45 29.32
CA ILE B 81 23.57 27.09 30.24
C ILE B 81 24.24 28.30 30.91
N TYR B 82 25.59 28.29 31.07
CA TYR B 82 26.31 29.42 31.67
C TYR B 82 26.38 30.64 30.75
N VAL B 83 26.63 30.43 29.46
CA VAL B 83 26.72 31.50 28.45
C VAL B 83 25.31 32.10 28.17
N HIS B 84 24.26 31.26 28.18
CA HIS B 84 22.86 31.66 27.99
C HIS B 84 22.04 31.30 29.26
N ARG B 85 22.32 32.03 30.37
CA ARG B 85 21.75 31.86 31.72
C ARG B 85 20.21 31.82 31.79
N ILE B 86 19.52 32.79 31.16
CA ILE B 86 18.05 32.91 31.18
C ILE B 86 17.43 32.34 29.88
N SER B 87 18.18 32.44 28.76
CA SER B 87 17.78 31.98 27.41
C SER B 87 17.60 30.45 27.30
N PHE B 88 18.22 29.67 28.24
CA PHE B 88 18.15 28.20 28.28
C PHE B 88 16.73 27.68 28.48
N PHE B 89 15.97 28.28 29.42
CA PHE B 89 14.59 27.90 29.75
C PHE B 89 13.60 28.30 28.64
N LYS B 90 13.84 29.47 27.98
CA LYS B 90 12.97 29.96 26.91
C LYS B 90 13.04 29.08 25.66
N ASP B 91 14.24 28.57 25.32
CA ASP B 91 14.42 27.73 24.14
C ASP B 91 13.99 26.27 24.35
N PRO B 92 13.07 25.73 23.51
CA PRO B 92 12.63 24.33 23.69
C PRO B 92 13.67 23.27 23.36
N TRP B 93 14.52 23.50 22.32
CA TRP B 93 15.56 22.57 21.90
C TRP B 93 16.71 22.53 22.92
N SER B 94 17.01 23.69 23.56
CA SER B 94 18.05 23.81 24.58
C SER B 94 17.69 23.00 25.82
N LEU B 95 16.38 22.91 26.15
CA LEU B 95 15.92 22.13 27.30
C LEU B 95 15.81 20.63 26.98
N PHE B 96 15.65 20.26 25.68
CA PHE B 96 15.60 18.86 25.22
C PHE B 96 16.95 18.22 25.49
N ASP B 97 18.03 18.93 25.08
CA ASP B 97 19.42 18.53 25.27
C ASP B 97 19.78 18.50 26.75
N PHE B 98 18.98 19.20 27.60
CA PHE B 98 19.14 19.24 29.06
C PHE B 98 18.43 18.03 29.71
N VAL B 99 17.17 17.77 29.31
CA VAL B 99 16.33 16.64 29.78
C VAL B 99 17.04 15.31 29.41
N VAL B 100 17.71 15.27 28.25
CA VAL B 100 18.50 14.15 27.76
C VAL B 100 19.71 13.95 28.68
N VAL B 101 20.39 15.06 29.08
CA VAL B 101 21.55 15.04 29.98
C VAL B 101 21.16 14.47 31.35
N ILE B 102 20.04 14.97 31.93
CA ILE B 102 19.57 14.49 33.24
C ILE B 102 19.07 13.03 33.14
N ILE B 103 18.62 12.58 31.94
CA ILE B 103 18.19 11.20 31.68
C ILE B 103 19.42 10.27 31.57
N SER B 104 20.44 10.71 30.81
CA SER B 104 21.68 9.98 30.57
C SER B 104 22.43 9.77 31.88
N ILE B 105 22.40 10.79 32.77
CA ILE B 105 23.02 10.76 34.09
C ILE B 105 22.27 9.80 35.03
N VAL B 106 20.92 9.93 35.13
CA VAL B 106 20.06 9.07 35.96
C VAL B 106 20.18 7.62 35.52
N GLY B 107 20.09 7.40 34.20
CA GLY B 107 20.21 6.09 33.57
C GLY B 107 21.50 5.38 33.89
N MET B 108 22.64 6.05 33.62
CA MET B 108 24.01 5.58 33.84
C MET B 108 24.19 4.82 35.16
N PHE B 109 23.72 5.41 36.27
CA PHE B 109 23.85 4.84 37.61
C PHE B 109 22.68 3.94 37.99
N LEU B 110 21.46 4.20 37.45
CA LEU B 110 20.26 3.39 37.71
C LEU B 110 20.41 2.00 37.08
N ALA B 111 20.99 1.94 35.85
CA ALA B 111 21.28 0.70 35.12
C ALA B 111 22.43 -0.04 35.82
N ASP B 112 23.44 0.72 36.30
CA ASP B 112 24.60 0.21 37.03
C ASP B 112 24.17 -0.39 38.36
N LEU B 113 23.17 0.21 39.03
CA LEU B 113 22.60 -0.23 40.30
C LEU B 113 21.96 -1.62 40.17
N ILE B 114 21.24 -1.88 39.04
CA ILE B 114 20.56 -3.15 38.75
C ILE B 114 21.57 -4.22 38.27
N GLU B 115 22.67 -3.77 37.61
CA GLU B 115 23.76 -4.61 37.10
C GLU B 115 24.60 -5.15 38.28
N THR B 116 24.87 -4.28 39.30
CA THR B 116 25.61 -4.63 40.51
C THR B 116 24.76 -5.54 41.39
N TYR B 117 23.52 -5.12 41.68
CA TYR B 117 22.56 -5.90 42.49
C TYR B 117 21.72 -6.74 41.54
N PHE B 118 22.28 -7.94 41.20
CA PHE B 118 21.80 -8.98 40.28
C PHE B 118 20.29 -9.23 40.37
N VAL B 119 19.59 -8.41 39.60
CA VAL B 119 18.10 -8.33 39.47
C VAL B 119 17.70 -8.30 37.93
N SER B 120 16.72 -9.18 37.58
CA SER B 120 16.06 -9.37 36.29
C SER B 120 16.72 -8.68 35.08
N PRO B 121 17.30 -9.46 34.13
CA PRO B 121 17.88 -8.83 32.92
C PRO B 121 16.84 -8.05 32.13
N THR B 122 15.55 -8.35 32.39
CA THR B 122 14.34 -7.73 31.84
C THR B 122 14.22 -6.28 32.33
N LEU B 123 14.62 -5.99 33.58
CA LEU B 123 14.59 -4.63 34.12
C LEU B 123 15.76 -3.82 33.55
N PHE B 124 16.93 -4.48 33.40
CA PHE B 124 18.16 -3.89 32.88
C PHE B 124 18.06 -3.53 31.39
N ARG B 125 17.61 -4.48 30.53
CA ARG B 125 17.50 -4.28 29.07
C ARG B 125 16.57 -3.12 28.70
N VAL B 126 15.49 -2.95 29.48
CA VAL B 126 14.50 -1.90 29.31
C VAL B 126 15.06 -0.56 29.82
N ILE B 127 15.65 -0.55 31.04
CA ILE B 127 16.19 0.66 31.68
C ILE B 127 17.39 1.25 30.90
N ARG B 128 18.24 0.39 30.28
CA ARG B 128 19.40 0.81 29.51
C ARG B 128 19.01 1.58 28.22
N LEU B 129 17.71 1.59 27.87
CA LEU B 129 17.13 2.28 26.71
C LEU B 129 17.22 3.83 26.81
N ALA B 130 17.81 4.35 27.90
CA ALA B 130 18.01 5.78 28.15
C ALA B 130 19.23 6.31 27.37
N ARG B 131 20.14 5.39 26.95
CA ARG B 131 21.36 5.69 26.18
C ARG B 131 21.01 6.30 24.80
N ILE B 132 19.79 5.99 24.31
CA ILE B 132 19.18 6.37 23.03
C ILE B 132 19.00 7.88 22.90
N GLY B 133 18.77 8.55 24.04
CA GLY B 133 18.60 10.00 24.13
C GLY B 133 19.78 10.76 23.57
N ARG B 134 21.01 10.28 23.88
CA ARG B 134 22.30 10.82 23.42
C ARG B 134 22.46 10.74 21.91
N ILE B 135 21.74 9.80 21.29
CA ILE B 135 21.82 9.50 19.88
C ILE B 135 20.70 10.16 19.08
N LEU B 136 19.46 10.19 19.60
CA LEU B 136 18.35 10.84 18.88
C LEU B 136 18.49 12.38 18.90
N ARG B 137 19.66 12.88 19.35
CA ARG B 137 20.01 14.30 19.36
C ARG B 137 20.32 14.75 17.93
N LEU B 138 20.64 13.80 17.02
CA LEU B 138 20.92 14.05 15.60
C LEU B 138 19.69 14.56 14.82
N VAL B 139 18.46 14.29 15.30
CA VAL B 139 17.24 14.79 14.65
C VAL B 139 17.02 16.26 15.07
N THR B 140 17.79 16.70 16.09
CA THR B 140 17.74 18.03 16.68
C THR B 140 19.00 18.84 16.28
N ALA B 141 20.11 18.60 17.02
CA ALA B 141 21.42 19.23 16.94
C ALA B 141 21.92 19.61 15.55
N VAL B 142 21.88 18.68 14.57
CA VAL B 142 22.34 19.02 13.22
C VAL B 142 21.20 19.71 12.45
N PRO B 143 21.44 20.93 11.89
CA PRO B 143 20.36 21.65 11.18
C PRO B 143 19.85 20.89 9.95
N GLN B 144 18.72 21.38 9.38
CA GLN B 144 17.96 20.81 8.27
C GLN B 144 17.26 19.51 8.72
N MET B 145 17.87 18.77 9.68
CA MET B 145 17.30 17.57 10.29
C MET B 145 16.24 18.05 11.28
N ARG B 146 16.50 19.20 11.94
CA ARG B 146 15.57 19.87 12.84
C ARG B 146 14.42 20.44 11.99
N LYS B 147 14.75 20.95 10.77
CA LYS B 147 13.79 21.51 9.82
C LYS B 147 12.80 20.46 9.37
N ILE B 148 13.29 19.32 8.83
CA ILE B 148 12.47 18.21 8.32
C ILE B 148 11.55 17.69 9.42
N VAL B 149 12.11 17.27 10.58
CA VAL B 149 11.33 16.74 11.69
C VAL B 149 10.23 17.74 12.15
N SER B 150 10.50 19.07 12.10
CA SER B 150 9.54 20.13 12.46
C SER B 150 8.48 20.34 11.39
N ALA B 151 8.87 20.24 10.10
CA ALA B 151 7.96 20.36 8.96
C ALA B 151 7.05 19.14 8.91
N LEU B 152 7.51 18.00 9.48
CA LEU B 152 6.74 16.76 9.56
C LEU B 152 5.76 16.85 10.73
N ILE B 153 6.23 17.32 11.91
CA ILE B 153 5.41 17.47 13.12
C ILE B 153 4.25 18.47 12.87
N SER B 154 4.49 19.52 12.06
CA SER B 154 3.50 20.54 11.68
C SER B 154 2.27 19.96 10.94
N VAL B 155 2.44 18.77 10.34
CA VAL B 155 1.41 18.04 9.59
C VAL B 155 0.43 17.35 10.54
N ILE B 156 0.96 16.71 11.61
CA ILE B 156 0.24 15.94 12.64
C ILE B 156 -1.10 16.63 13.09
N PRO B 157 -1.20 17.95 13.38
CA PRO B 157 -2.51 18.52 13.76
C PRO B 157 -3.53 18.63 12.63
N GLY B 158 -3.06 18.97 11.42
CA GLY B 158 -3.90 19.10 10.23
C GLY B 158 -4.45 17.80 9.69
N MET B 159 -4.53 16.76 10.55
CA MET B 159 -5.02 15.41 10.26
C MET B 159 -5.42 14.70 11.56
N LEU B 160 -5.31 15.43 12.71
CA LEU B 160 -5.60 14.93 14.06
C LEU B 160 -7.04 14.48 14.28
N SER B 161 -8.01 15.05 13.53
CA SER B 161 -9.41 14.65 13.61
C SER B 161 -9.58 13.27 12.98
N VAL B 162 -8.89 13.04 11.85
CA VAL B 162 -8.87 11.76 11.11
C VAL B 162 -8.19 10.67 11.95
N ILE B 163 -7.13 11.03 12.70
CA ILE B 163 -6.42 10.12 13.61
C ILE B 163 -7.36 9.75 14.78
N ALA B 164 -8.08 10.78 15.31
CA ALA B 164 -9.04 10.64 16.41
C ALA B 164 -10.21 9.75 16.00
N LEU B 165 -10.75 9.95 14.78
CA LEU B 165 -11.86 9.17 14.22
C LEU B 165 -11.47 7.70 14.09
N MET B 166 -10.24 7.46 13.63
CA MET B 166 -9.68 6.14 13.44
C MET B 166 -9.63 5.35 14.75
N THR B 167 -9.15 5.97 15.84
CA THR B 167 -9.06 5.34 17.16
C THR B 167 -10.45 4.95 17.67
N LEU B 168 -11.44 5.85 17.49
CA LEU B 168 -12.83 5.65 17.88
C LEU B 168 -13.43 4.50 17.09
N PHE B 169 -13.14 4.44 15.77
CA PHE B 169 -13.56 3.39 14.85
C PHE B 169 -12.97 2.05 15.27
N PHE B 170 -11.71 2.09 15.75
CA PHE B 170 -10.97 0.92 16.23
C PHE B 170 -11.61 0.37 17.50
N TYR B 171 -12.05 1.26 18.42
CA TYR B 171 -12.71 0.88 19.68
C TYR B 171 -13.96 0.09 19.40
N ILE B 172 -14.95 0.70 18.70
CA ILE B 172 -16.23 0.12 18.32
C ILE B 172 -16.02 -1.30 17.73
N PHE B 173 -15.04 -1.43 16.78
CA PHE B 173 -14.68 -2.70 16.13
C PHE B 173 -13.98 -3.69 17.07
N ALA B 174 -13.20 -3.21 18.06
CA ALA B 174 -12.50 -4.06 19.04
C ALA B 174 -13.45 -4.57 20.10
N ILE B 175 -14.49 -3.77 20.44
CA ILE B 175 -15.54 -4.10 21.41
C ILE B 175 -16.41 -5.21 20.80
N MET B 176 -16.50 -5.23 19.45
CA MET B 176 -17.26 -6.21 18.67
C MET B 176 -16.53 -7.54 18.48
N ALA B 177 -15.23 -7.47 18.13
CA ALA B 177 -14.39 -8.63 17.87
C ALA B 177 -14.23 -9.52 19.11
N THR B 178 -14.04 -8.91 20.29
CA THR B 178 -13.91 -9.61 21.57
C THR B 178 -15.21 -10.35 21.90
N GLN B 179 -16.35 -9.73 21.59
CA GLN B 179 -17.69 -10.26 21.81
C GLN B 179 -17.91 -11.53 20.96
N LEU B 180 -17.83 -11.39 19.62
CA LEU B 180 -18.08 -12.48 18.68
C LEU B 180 -17.04 -13.62 18.72
N PHE B 181 -15.82 -13.32 18.25
CA PHE B 181 -14.71 -14.27 18.08
C PHE B 181 -13.92 -14.63 19.32
N GLY B 182 -13.94 -13.77 20.34
CA GLY B 182 -13.21 -13.94 21.60
C GLY B 182 -13.37 -15.25 22.37
N GLU B 183 -14.53 -15.93 22.22
CA GLU B 183 -14.81 -17.19 22.91
C GLU B 183 -13.94 -18.34 22.39
N ARG B 184 -14.03 -18.64 21.09
CA ARG B 184 -13.28 -19.72 20.45
C ARG B 184 -11.90 -19.30 19.99
N PHE B 185 -11.68 -17.98 19.82
CA PHE B 185 -10.39 -17.41 19.41
C PHE B 185 -9.86 -16.44 20.47
N PRO B 186 -9.37 -16.96 21.61
CA PRO B 186 -8.88 -16.04 22.64
C PRO B 186 -7.49 -15.48 22.37
N GLU B 187 -6.64 -16.28 21.70
CA GLU B 187 -5.27 -15.94 21.33
C GLU B 187 -5.19 -14.69 20.48
N TRP B 188 -6.25 -14.37 19.72
CA TRP B 188 -6.32 -13.18 18.86
C TRP B 188 -7.35 -12.17 19.34
N PHE B 189 -8.52 -12.63 19.84
CA PHE B 189 -9.61 -11.74 20.22
C PHE B 189 -10.18 -11.90 21.65
N GLY B 190 -9.49 -12.63 22.53
CA GLY B 190 -9.93 -12.86 23.90
C GLY B 190 -10.05 -11.64 24.78
N THR B 191 -9.18 -10.65 24.58
CA THR B 191 -9.12 -9.39 25.34
C THR B 191 -9.35 -8.22 24.37
N LEU B 192 -9.66 -7.00 24.90
CA LEU B 192 -9.80 -5.81 24.06
C LEU B 192 -8.42 -5.38 23.56
N GLY B 193 -7.38 -5.74 24.32
CA GLY B 193 -6.00 -5.49 23.97
C GLY B 193 -5.54 -6.43 22.88
N GLU B 194 -6.09 -7.66 22.87
CA GLU B 194 -5.81 -8.69 21.89
C GLU B 194 -6.50 -8.30 20.59
N SER B 195 -7.78 -7.88 20.71
CA SER B 195 -8.60 -7.44 19.60
C SER B 195 -8.12 -6.13 18.98
N PHE B 196 -7.45 -5.27 19.77
CA PHE B 196 -6.88 -4.01 19.24
C PHE B 196 -5.66 -4.33 18.37
N TYR B 197 -4.95 -5.40 18.73
CA TYR B 197 -3.77 -5.87 18.01
C TYR B 197 -4.15 -6.53 16.68
N THR B 198 -5.03 -7.55 16.72
CA THR B 198 -5.45 -8.28 15.53
C THR B 198 -6.07 -7.33 14.50
N LEU B 199 -6.99 -6.45 14.94
CA LEU B 199 -7.60 -5.47 14.06
C LEU B 199 -6.58 -4.51 13.49
N PHE B 200 -5.44 -4.31 14.19
CA PHE B 200 -4.39 -3.48 13.62
C PHE B 200 -3.63 -4.27 12.55
N GLN B 201 -3.36 -5.58 12.82
CA GLN B 201 -2.67 -6.47 11.88
C GLN B 201 -3.48 -6.62 10.58
N VAL B 202 -4.81 -6.76 10.71
CA VAL B 202 -5.78 -6.85 9.61
C VAL B 202 -5.74 -5.54 8.79
N MET B 203 -5.60 -4.37 9.47
CA MET B 203 -5.52 -3.04 8.85
C MET B 203 -4.29 -2.90 7.95
N THR B 204 -3.11 -3.39 8.41
CA THR B 204 -1.87 -3.37 7.63
C THR B 204 -1.91 -4.45 6.51
N LEU B 205 -3.03 -5.24 6.47
CA LEU B 205 -3.30 -6.32 5.53
C LEU B 205 -2.29 -7.50 5.64
N GLU B 206 -1.50 -7.55 6.74
CA GLU B 206 -0.52 -8.61 6.97
C GLU B 206 -1.25 -9.86 7.45
N SER B 207 -1.17 -10.93 6.64
CA SER B 207 -1.79 -12.24 6.89
C SER B 207 -3.29 -12.17 7.22
N TRP B 208 -3.96 -11.06 6.90
CA TRP B 208 -5.38 -10.81 7.21
C TRP B 208 -6.32 -12.00 6.91
N SER B 209 -6.22 -12.60 5.70
CA SER B 209 -7.10 -13.71 5.32
C SER B 209 -6.56 -15.06 5.74
N MET B 210 -5.45 -15.51 5.16
CA MET B 210 -4.83 -16.80 5.49
C MET B 210 -4.64 -17.00 7.01
N GLY B 211 -4.01 -16.03 7.66
CA GLY B 211 -3.69 -16.08 9.07
C GLY B 211 -4.86 -15.90 10.03
N ILE B 212 -5.81 -14.98 9.75
CA ILE B 212 -6.91 -14.71 10.68
C ILE B 212 -8.33 -14.97 10.14
N VAL B 213 -8.78 -14.26 9.09
CA VAL B 213 -10.15 -14.33 8.57
C VAL B 213 -10.55 -15.73 8.00
N ARG B 214 -9.60 -16.49 7.42
CA ARG B 214 -9.88 -17.84 6.90
C ARG B 214 -10.01 -18.88 8.03
N PRO B 215 -9.09 -18.98 9.02
CA PRO B 215 -9.28 -19.98 10.10
C PRO B 215 -10.46 -19.66 11.01
N LEU B 216 -10.93 -18.41 10.96
CA LEU B 216 -12.08 -17.93 11.71
C LEU B 216 -13.35 -18.45 11.04
N MET B 217 -13.30 -18.62 9.72
CA MET B 217 -14.43 -19.08 8.92
C MET B 217 -14.62 -20.59 9.00
N GLU B 218 -13.67 -21.30 9.61
CA GLU B 218 -13.76 -22.73 9.86
C GLU B 218 -14.79 -22.91 10.98
N VAL B 219 -14.70 -22.05 12.02
CA VAL B 219 -15.61 -22.06 13.15
C VAL B 219 -16.86 -21.25 12.83
N TYR B 220 -16.70 -19.97 12.48
CA TYR B 220 -17.81 -19.08 12.15
C TYR B 220 -17.76 -18.75 10.64
N PRO B 221 -18.43 -19.51 9.73
CA PRO B 221 -18.30 -19.24 8.28
C PRO B 221 -18.74 -17.86 7.78
N TYR B 222 -19.51 -17.11 8.56
CA TYR B 222 -19.92 -15.77 8.12
C TYR B 222 -19.06 -14.68 8.76
N ALA B 223 -17.80 -15.00 9.10
CA ALA B 223 -16.85 -14.07 9.71
C ALA B 223 -16.42 -12.94 8.76
N TRP B 224 -16.37 -13.23 7.44
CA TRP B 224 -15.98 -12.29 6.38
C TRP B 224 -16.89 -11.06 6.37
N VAL B 225 -18.17 -11.24 6.72
CA VAL B 225 -19.19 -10.19 6.77
C VAL B 225 -18.82 -9.08 7.77
N PHE B 226 -17.80 -9.33 8.62
CA PHE B 226 -17.29 -8.40 9.61
C PHE B 226 -15.97 -7.82 9.13
N PHE B 227 -15.06 -8.69 8.68
CA PHE B 227 -13.70 -8.33 8.31
C PHE B 227 -13.56 -7.64 6.96
N ILE B 228 -14.34 -8.05 5.93
CA ILE B 228 -14.33 -7.38 4.61
C ILE B 228 -14.82 -5.91 4.83
N PRO B 229 -15.99 -5.65 5.50
CA PRO B 229 -16.37 -4.26 5.79
C PRO B 229 -15.39 -3.55 6.72
N PHE B 230 -14.77 -4.25 7.69
CA PHE B 230 -13.77 -3.62 8.56
C PHE B 230 -12.63 -3.05 7.72
N ILE B 231 -12.04 -3.88 6.83
CA ILE B 231 -10.96 -3.51 5.90
C ILE B 231 -11.36 -2.27 5.09
N PHE B 232 -12.60 -2.26 4.55
CA PHE B 232 -13.15 -1.16 3.77
C PHE B 232 -13.28 0.13 4.58
N VAL B 233 -14.00 0.07 5.72
CA VAL B 233 -14.23 1.20 6.64
C VAL B 233 -12.88 1.78 7.10
N VAL B 234 -11.90 0.91 7.39
CA VAL B 234 -10.57 1.27 7.87
C VAL B 234 -9.63 1.72 6.72
N THR B 235 -9.85 1.29 5.46
CA THR B 235 -8.97 1.72 4.37
C THR B 235 -9.37 3.11 3.90
N PHE B 236 -10.69 3.40 3.80
CA PHE B 236 -11.21 4.70 3.36
C PHE B 236 -10.70 5.82 4.23
N VAL B 237 -10.77 5.65 5.57
CA VAL B 237 -10.27 6.61 6.57
C VAL B 237 -8.76 6.84 6.34
N MET B 238 -8.00 5.76 6.08
CA MET B 238 -6.57 5.82 5.81
C MET B 238 -6.22 6.62 4.55
N ILE B 239 -6.92 6.35 3.41
CA ILE B 239 -6.70 7.00 2.11
C ILE B 239 -6.90 8.50 2.26
N ASN B 240 -8.01 8.89 2.90
CA ASN B 240 -8.40 10.28 3.12
C ASN B 240 -7.43 11.02 4.02
N LEU B 241 -6.75 10.33 4.96
CA LEU B 241 -5.75 10.94 5.84
C LEU B 241 -4.55 11.44 5.01
N VAL B 242 -4.16 10.67 3.98
CA VAL B 242 -3.04 10.98 3.08
C VAL B 242 -3.45 12.08 2.10
N VAL B 243 -4.72 12.08 1.64
CA VAL B 243 -5.29 13.08 0.74
C VAL B 243 -5.32 14.44 1.48
N ALA B 244 -5.60 14.41 2.80
CA ALA B 244 -5.63 15.55 3.71
C ALA B 244 -4.27 16.21 3.80
N ILE B 245 -3.19 15.40 3.85
CA ILE B 245 -1.81 15.90 3.89
C ILE B 245 -1.50 16.63 2.57
N ILE B 246 -2.01 16.09 1.43
CA ILE B 246 -1.84 16.66 0.08
C ILE B 246 -2.59 17.99 -0.08
N VAL B 247 -3.91 17.99 0.20
CA VAL B 247 -4.76 19.18 0.06
C VAL B 247 -4.37 20.32 1.01
N ASP B 248 -3.83 20.02 2.20
CA ASP B 248 -3.38 21.06 3.14
C ASP B 248 -2.07 21.66 2.65
N ALA B 249 -1.22 20.83 2.03
CA ALA B 249 0.05 21.25 1.45
C ALA B 249 -0.22 22.09 0.20
N MET B 250 -1.21 21.65 -0.62
CA MET B 250 -1.65 22.32 -1.84
C MET B 250 -2.55 23.53 -1.57
N ALA B 251 -2.85 23.81 -0.28
CA ALA B 251 -3.66 24.96 0.14
C ALA B 251 -2.73 26.15 0.31
N ILE B 252 -1.54 25.92 0.91
CA ILE B 252 -0.52 26.95 1.12
C ILE B 252 -0.04 27.47 -0.26
N LEU B 253 0.09 26.54 -1.23
CA LEU B 253 0.48 26.83 -2.61
C LEU B 253 -0.62 27.58 -3.38
N ASN B 254 -1.88 27.11 -3.29
CA ASN B 254 -3.07 27.65 -3.96
C ASN B 254 -3.53 29.00 -3.42
N GLN B 255 -3.44 29.22 -2.09
CA GLN B 255 -3.89 30.46 -1.46
C GLN B 255 -2.84 31.59 -1.51
N LYS B 256 -1.64 31.27 -2.03
CA LYS B 256 -0.58 32.26 -2.25
C LYS B 256 -0.52 32.59 -3.72
N GLU B 257 -0.90 31.61 -4.58
CA GLU B 257 -1.00 31.71 -6.04
C GLU B 257 -2.00 32.82 -6.39
N GLU B 258 -3.15 32.87 -5.68
CA GLU B 258 -4.21 33.88 -5.85
C GLU B 258 -3.73 35.29 -5.51
N GLN B 259 -2.99 35.45 -4.39
CA GLN B 259 -2.44 36.71 -3.89
C GLN B 259 -1.60 37.44 -4.96
N HIS B 260 -0.72 36.69 -5.65
CA HIS B 260 0.15 37.23 -6.71
C HIS B 260 -0.66 37.68 -7.92
N ILE B 261 -1.65 36.85 -8.35
CA ILE B 261 -2.54 37.08 -9.49
C ILE B 261 -3.34 38.40 -9.34
N ILE B 262 -3.72 38.77 -8.09
CA ILE B 262 -4.48 39.99 -7.78
C ILE B 262 -3.66 41.28 -8.07
N ASP B 263 -2.36 41.27 -7.72
CA ASP B 263 -1.38 42.38 -7.86
C ASP B 263 -1.64 43.48 -6.82
N MET C 19 37.14 10.41 -47.51
CA MET C 19 37.36 9.12 -46.84
C MET C 19 36.78 9.12 -45.41
N TYR C 20 37.35 9.96 -44.51
CA TYR C 20 36.93 10.08 -43.10
C TYR C 20 35.51 10.66 -42.97
N LEU C 21 35.08 11.52 -43.92
CA LEU C 21 33.74 12.11 -43.90
C LEU C 21 32.65 11.08 -44.24
N ARG C 22 33.02 9.92 -44.84
CA ARG C 22 32.12 8.80 -45.15
C ARG C 22 32.03 7.87 -43.94
N ILE C 23 33.14 7.71 -43.19
CA ILE C 23 33.19 6.90 -41.96
C ILE C 23 32.44 7.63 -40.83
N THR C 24 32.55 8.98 -40.78
CA THR C 24 31.86 9.82 -39.80
C THR C 24 30.37 9.92 -40.18
N ASN C 25 30.06 9.88 -41.50
CA ASN C 25 28.72 9.92 -42.05
C ASN C 25 27.96 8.66 -41.64
N ILE C 26 28.66 7.51 -41.61
CA ILE C 26 28.15 6.20 -41.23
C ILE C 26 28.06 6.07 -39.70
N VAL C 27 29.06 6.60 -38.94
CA VAL C 27 29.07 6.52 -37.46
C VAL C 27 27.99 7.47 -36.87
N GLU C 28 28.03 8.76 -37.23
CA GLU C 28 27.02 9.73 -36.76
C GLU C 28 25.78 9.64 -37.70
N SER C 29 25.25 8.40 -37.84
CA SER C 29 24.11 8.05 -38.72
C SER C 29 22.88 7.56 -37.97
N SER C 30 21.70 7.74 -38.62
CA SER C 30 20.39 7.27 -38.17
C SER C 30 20.37 5.73 -38.15
N PHE C 31 21.08 5.11 -39.13
CA PHE C 31 21.22 3.66 -39.24
C PHE C 31 22.07 3.11 -38.09
N PHE C 32 23.32 3.63 -37.94
CA PHE C 32 24.31 3.19 -36.94
C PHE C 32 23.78 3.08 -35.54
N THR C 33 23.00 4.09 -35.07
CA THR C 33 22.40 4.09 -33.73
C THR C 33 21.43 2.91 -33.63
N LYS C 34 20.47 2.81 -34.60
CA LYS C 34 19.45 1.74 -34.71
C LYS C 34 20.07 0.34 -34.79
N PHE C 35 21.24 0.21 -35.44
CA PHE C 35 21.98 -1.04 -35.54
C PHE C 35 22.62 -1.42 -34.20
N ILE C 36 23.17 -0.43 -33.45
CA ILE C 36 23.79 -0.68 -32.13
C ILE C 36 22.69 -1.06 -31.11
N ILE C 37 21.51 -0.38 -31.18
CA ILE C 37 20.35 -0.68 -30.32
C ILE C 37 19.99 -2.16 -30.55
N TYR C 38 19.79 -2.53 -31.85
CA TYR C 38 19.45 -3.88 -32.34
C TYR C 38 20.43 -4.94 -31.84
N LEU C 39 21.74 -4.64 -31.92
CA LEU C 39 22.84 -5.48 -31.50
C LEU C 39 22.76 -5.82 -30.00
N ILE C 40 22.44 -4.82 -29.16
CA ILE C 40 22.28 -4.93 -27.68
C ILE C 40 21.06 -5.79 -27.36
N VAL C 41 19.95 -5.56 -28.10
CA VAL C 41 18.67 -6.26 -28.00
C VAL C 41 18.89 -7.78 -28.24
N LEU C 42 19.69 -8.13 -29.26
CA LEU C 42 20.03 -9.52 -29.62
C LEU C 42 20.95 -10.16 -28.59
N ASN C 43 21.81 -9.35 -27.94
CA ASN C 43 22.69 -9.85 -26.91
C ASN C 43 21.84 -10.22 -25.68
N MET C 44 20.79 -9.41 -25.41
CA MET C 44 19.82 -9.63 -24.33
C MET C 44 19.05 -10.93 -24.56
N VAL C 45 18.66 -11.21 -25.82
CA VAL C 45 17.95 -12.44 -26.21
C VAL C 45 18.85 -13.67 -26.01
N THR C 46 20.16 -13.57 -26.36
CA THR C 46 21.14 -14.67 -26.18
C THR C 46 21.46 -14.94 -24.67
N MET C 47 21.08 -13.99 -23.80
CA MET C 47 21.24 -14.07 -22.35
C MET C 47 19.93 -14.54 -21.71
N MET C 48 18.79 -14.15 -22.32
CA MET C 48 17.43 -14.53 -21.91
C MET C 48 17.19 -16.03 -22.06
N VAL C 49 17.90 -16.67 -23.02
CA VAL C 49 17.79 -18.10 -23.31
C VAL C 49 18.82 -18.93 -22.48
N GLU C 50 18.96 -18.57 -21.18
CA GLU C 50 19.82 -19.25 -20.23
C GLU C 50 18.97 -19.80 -19.09
N LYS C 51 19.15 -21.11 -18.78
CA LYS C 51 18.43 -21.84 -17.73
C LYS C 51 19.43 -22.46 -16.73
N GLU C 52 18.93 -23.31 -15.82
CA GLU C 52 19.76 -23.99 -14.82
C GLU C 52 20.21 -25.38 -15.27
N GLY C 53 19.50 -25.93 -16.27
CA GLY C 53 19.70 -27.26 -16.86
C GLY C 53 21.14 -27.72 -17.00
N GLN C 54 21.84 -27.32 -18.06
CA GLN C 54 21.34 -26.49 -19.16
C GLN C 54 21.53 -27.29 -20.45
N SER C 55 22.78 -27.77 -20.62
CA SER C 55 23.43 -28.56 -21.67
C SER C 55 24.87 -28.05 -21.63
N GLN C 56 25.84 -28.95 -21.41
CA GLN C 56 27.29 -28.66 -21.38
C GLN C 56 27.69 -28.03 -22.73
N HIS C 57 26.96 -28.42 -23.80
CA HIS C 57 27.07 -27.96 -25.17
C HIS C 57 26.50 -26.54 -25.25
N MET C 58 25.26 -26.32 -24.73
CA MET C 58 24.58 -25.02 -24.72
C MET C 58 25.42 -23.91 -24.11
N THR C 59 26.12 -24.22 -23.00
CA THR C 59 27.02 -23.30 -22.30
C THR C 59 28.15 -22.89 -23.24
N GLU C 60 28.77 -23.87 -23.95
CA GLU C 60 29.83 -23.62 -24.94
C GLU C 60 29.29 -22.80 -26.12
N VAL C 61 28.03 -23.09 -26.55
CA VAL C 61 27.31 -22.43 -27.65
C VAL C 61 27.05 -20.94 -27.31
N LEU C 62 26.27 -20.67 -26.25
CA LEU C 62 25.88 -19.34 -25.79
C LEU C 62 27.04 -18.41 -25.51
N TYR C 63 28.11 -18.91 -24.85
CA TYR C 63 29.31 -18.15 -24.49
C TYR C 63 30.03 -17.57 -25.71
N TRP C 64 30.13 -18.35 -26.81
CA TRP C 64 30.77 -17.91 -28.06
C TRP C 64 29.99 -16.81 -28.76
N ILE C 65 28.63 -16.93 -28.79
CA ILE C 65 27.76 -15.91 -29.42
C ILE C 65 27.88 -14.60 -28.64
N ASN C 66 28.23 -14.66 -27.35
CA ASN C 66 28.48 -13.47 -26.55
C ASN C 66 29.81 -12.84 -26.94
N VAL C 67 30.86 -13.67 -27.22
CA VAL C 67 32.18 -13.21 -27.69
C VAL C 67 32.05 -12.59 -29.11
N VAL C 68 31.07 -13.07 -29.92
CA VAL C 68 30.71 -12.51 -31.23
C VAL C 68 30.21 -11.06 -31.00
N PHE C 69 29.45 -10.86 -29.90
CA PHE C 69 28.92 -9.55 -29.51
C PHE C 69 30.04 -8.66 -28.97
N ILE C 70 30.78 -9.13 -27.93
CA ILE C 70 31.91 -8.43 -27.28
C ILE C 70 32.88 -7.87 -28.33
N ILE C 71 33.17 -8.64 -29.41
CA ILE C 71 34.06 -8.17 -30.48
C ILE C 71 33.37 -7.07 -31.31
N LEU C 72 32.07 -7.24 -31.66
CA LEU C 72 31.30 -6.26 -32.42
C LEU C 72 31.10 -4.95 -31.65
N PHE C 73 30.94 -5.05 -30.32
CA PHE C 73 30.74 -3.90 -29.43
C PHE C 73 32.04 -3.15 -29.17
N THR C 74 33.19 -3.80 -29.47
CA THR C 74 34.51 -3.20 -29.37
C THR C 74 34.84 -2.52 -30.73
N ILE C 75 34.23 -3.04 -31.82
CA ILE C 75 34.28 -2.45 -33.17
C ILE C 75 33.40 -1.18 -33.13
N GLU C 76 32.26 -1.25 -32.38
CA GLU C 76 31.30 -0.18 -32.16
C GLU C 76 31.96 1.06 -31.52
N ILE C 77 32.73 0.85 -30.42
CA ILE C 77 33.41 1.95 -29.72
C ILE C 77 34.66 2.41 -30.45
N ILE C 78 35.35 1.48 -31.18
CA ILE C 78 36.57 1.85 -31.93
C ILE C 78 36.20 2.79 -33.11
N LEU C 79 35.04 2.55 -33.76
CA LEU C 79 34.49 3.38 -34.85
C LEU C 79 34.08 4.74 -34.28
N ARG C 80 33.50 4.74 -33.06
CA ARG C 80 33.01 5.92 -32.33
C ARG C 80 34.12 6.73 -31.65
N ILE C 81 35.28 6.10 -31.36
CA ILE C 81 36.40 6.81 -30.78
C ILE C 81 37.25 7.42 -31.91
N TYR C 82 37.20 6.81 -33.12
CA TYR C 82 37.90 7.27 -34.33
C TYR C 82 37.36 8.67 -34.75
N VAL C 83 36.04 8.85 -34.63
CA VAL C 83 35.30 10.06 -34.96
C VAL C 83 35.55 11.20 -33.93
N HIS C 84 35.44 10.89 -32.63
CA HIS C 84 35.56 11.90 -31.56
C HIS C 84 36.98 12.07 -31.00
N ARG C 85 37.93 11.18 -31.37
CA ARG C 85 39.34 11.19 -30.96
C ARG C 85 39.52 11.28 -29.41
N ILE C 86 39.55 12.51 -28.83
CA ILE C 86 39.71 12.71 -27.38
C ILE C 86 38.43 13.39 -26.80
N SER C 87 37.57 13.94 -27.69
CA SER C 87 36.28 14.57 -27.33
C SER C 87 35.26 13.51 -26.86
N PHE C 88 35.58 12.21 -27.09
CA PHE C 88 34.83 11.03 -26.67
C PHE C 88 34.78 10.96 -25.13
N PHE C 89 35.89 11.31 -24.46
CA PHE C 89 36.01 11.35 -22.99
C PHE C 89 35.13 12.43 -22.37
N LYS C 90 34.91 13.56 -23.09
CA LYS C 90 34.10 14.69 -22.62
C LYS C 90 32.65 14.29 -22.36
N ASP C 91 31.96 13.71 -23.37
CA ASP C 91 30.56 13.26 -23.27
C ASP C 91 30.47 11.98 -22.43
N PRO C 92 29.83 12.02 -21.22
CA PRO C 92 29.75 10.82 -20.37
C PRO C 92 28.99 9.63 -20.99
N TRP C 93 28.15 9.86 -22.04
CA TRP C 93 27.43 8.79 -22.74
C TRP C 93 28.45 7.93 -23.45
N SER C 94 29.29 8.55 -24.31
CA SER C 94 30.38 7.91 -25.04
C SER C 94 31.33 7.25 -24.03
N LEU C 95 31.62 7.98 -22.93
CA LEU C 95 32.48 7.55 -21.83
C LEU C 95 31.95 6.30 -21.10
N PHE C 96 30.61 6.20 -20.90
CA PHE C 96 29.94 5.06 -20.26
C PHE C 96 30.08 3.81 -21.11
N ASP C 97 29.77 3.94 -22.43
CA ASP C 97 29.86 2.88 -23.43
C ASP C 97 31.27 2.27 -23.47
N PHE C 98 32.29 3.10 -23.20
CA PHE C 98 33.70 2.69 -23.13
C PHE C 98 33.95 1.86 -21.84
N VAL C 99 33.46 2.33 -20.67
CA VAL C 99 33.60 1.65 -19.37
C VAL C 99 32.88 0.28 -19.41
N VAL C 100 31.74 0.20 -20.12
CA VAL C 100 30.96 -1.01 -20.33
C VAL C 100 31.80 -2.00 -21.15
N VAL C 101 32.40 -1.52 -22.28
CA VAL C 101 33.22 -2.30 -23.21
C VAL C 101 34.49 -2.83 -22.52
N ILE C 102 35.17 -2.00 -21.71
CA ILE C 102 36.38 -2.46 -20.99
C ILE C 102 36.03 -3.55 -19.95
N ILE C 103 34.87 -3.39 -19.25
CA ILE C 103 34.37 -4.32 -18.22
C ILE C 103 33.96 -5.67 -18.82
N SER C 104 33.32 -5.65 -20.01
CA SER C 104 32.90 -6.87 -20.73
C SER C 104 34.15 -7.69 -21.05
N ILE C 105 35.19 -7.02 -21.59
CA ILE C 105 36.47 -7.62 -21.96
C ILE C 105 37.25 -8.09 -20.73
N VAL C 106 37.56 -7.18 -19.76
CA VAL C 106 38.32 -7.51 -18.54
C VAL C 106 37.66 -8.68 -17.77
N GLY C 107 36.32 -8.69 -17.78
CA GLY C 107 35.47 -9.66 -17.11
C GLY C 107 35.30 -10.99 -17.80
N MET C 108 35.18 -11.00 -19.17
CA MET C 108 35.01 -12.27 -19.89
C MET C 108 36.27 -13.12 -19.81
N PHE C 109 37.45 -12.47 -19.77
CA PHE C 109 38.73 -13.14 -19.63
C PHE C 109 38.93 -13.58 -18.17
N LEU C 110 38.46 -12.76 -17.21
CA LEU C 110 38.51 -13.06 -15.77
C LEU C 110 37.65 -14.29 -15.45
N ALA C 111 36.45 -14.36 -16.07
CA ALA C 111 35.49 -15.45 -15.91
C ALA C 111 36.00 -16.75 -16.51
N ASP C 112 36.63 -16.70 -17.70
CA ASP C 112 37.22 -17.87 -18.37
C ASP C 112 38.33 -18.43 -17.49
N LEU C 113 39.19 -17.53 -16.96
CA LEU C 113 40.32 -17.83 -16.08
C LEU C 113 39.87 -18.56 -14.81
N ILE C 114 38.89 -18.00 -14.07
CA ILE C 114 38.37 -18.56 -12.82
C ILE C 114 37.80 -19.98 -13.02
N GLU C 115 36.93 -20.17 -14.04
CA GLU C 115 36.28 -21.45 -14.36
C GLU C 115 37.27 -22.59 -14.63
N THR C 116 38.40 -22.26 -15.29
CA THR C 116 39.48 -23.19 -15.64
C THR C 116 40.15 -23.81 -14.37
N TYR C 117 40.26 -23.03 -13.27
CA TYR C 117 40.89 -23.52 -12.03
C TYR C 117 39.95 -23.50 -10.83
N PRO C 121 34.67 -20.43 -8.09
CA PRO C 121 33.62 -21.32 -7.57
C PRO C 121 32.29 -20.57 -7.39
N THR C 122 32.20 -19.81 -6.28
CA THR C 122 31.13 -18.90 -5.89
C THR C 122 31.43 -17.63 -6.71
N LEU C 123 32.74 -17.31 -6.82
CA LEU C 123 33.28 -16.18 -7.56
C LEU C 123 32.87 -16.21 -9.03
N PHE C 124 32.90 -17.40 -9.67
CA PHE C 124 32.56 -17.57 -11.08
C PHE C 124 31.19 -17.01 -11.45
N ARG C 125 30.12 -17.35 -10.67
CA ARG C 125 28.76 -16.85 -10.97
C ARG C 125 28.62 -15.34 -10.71
N VAL C 126 29.29 -14.81 -9.66
CA VAL C 126 29.28 -13.40 -9.28
C VAL C 126 30.03 -12.56 -10.32
N ILE C 127 31.31 -12.92 -10.63
CA ILE C 127 32.17 -12.24 -11.63
C ILE C 127 31.49 -12.21 -13.02
N ARG C 128 30.76 -13.30 -13.37
CA ARG C 128 29.97 -13.45 -14.59
C ARG C 128 28.91 -12.36 -14.79
N LEU C 129 28.69 -11.51 -13.76
CA LEU C 129 27.73 -10.41 -13.78
C LEU C 129 28.11 -9.29 -14.73
N ALA C 130 29.43 -9.01 -14.90
CA ALA C 130 30.00 -7.97 -15.77
C ALA C 130 29.34 -7.82 -17.17
N ARG C 131 28.72 -8.89 -17.67
CA ARG C 131 28.02 -8.91 -18.95
C ARG C 131 26.77 -8.01 -18.98
N ILE C 132 26.23 -7.64 -17.78
CA ILE C 132 25.01 -6.84 -17.60
C ILE C 132 25.15 -5.42 -18.21
N GLY C 133 26.37 -4.86 -18.18
CA GLY C 133 26.66 -3.54 -18.72
C GLY C 133 26.38 -3.41 -20.19
N ARG C 134 26.59 -4.52 -20.94
CA ARG C 134 26.37 -4.63 -22.39
C ARG C 134 24.89 -4.47 -22.74
N ILE C 135 23.99 -4.98 -21.87
CA ILE C 135 22.54 -4.92 -22.08
C ILE C 135 21.89 -3.81 -21.29
N LEU C 136 22.61 -3.26 -20.28
CA LEU C 136 22.18 -2.14 -19.45
C LEU C 136 22.11 -0.87 -20.31
N ARG C 137 22.92 -0.82 -21.39
CA ARG C 137 22.96 0.27 -22.37
C ARG C 137 21.60 0.51 -23.04
N LEU C 138 20.60 -0.35 -22.74
CA LEU C 138 19.23 -0.24 -23.25
C LEU C 138 18.39 0.84 -22.51
N VAL C 139 18.97 1.47 -21.46
CA VAL C 139 18.37 2.60 -20.74
C VAL C 139 19.14 3.85 -21.13
N THR C 140 20.43 3.66 -21.51
CA THR C 140 21.42 4.67 -21.89
C THR C 140 21.36 5.06 -23.37
N ALA C 141 21.87 4.18 -24.26
CA ALA C 141 21.99 4.39 -25.70
C ALA C 141 20.68 4.72 -26.43
N VAL C 142 19.53 4.29 -25.91
CA VAL C 142 18.25 4.55 -26.57
C VAL C 142 17.54 5.79 -25.96
N PRO C 143 17.21 6.81 -26.80
CA PRO C 143 16.47 7.98 -26.30
C PRO C 143 15.04 7.55 -25.97
N GLN C 144 14.22 8.47 -25.43
CA GLN C 144 12.84 8.20 -24.96
C GLN C 144 13.01 7.51 -23.61
N MET C 145 13.82 6.42 -23.56
CA MET C 145 14.18 5.69 -22.35
C MET C 145 15.11 6.59 -21.55
N ARG C 146 16.18 7.10 -22.21
CA ARG C 146 17.19 8.00 -21.66
C ARG C 146 16.53 9.16 -20.92
N LYS C 147 15.48 9.74 -21.56
CA LYS C 147 14.64 10.84 -21.09
C LYS C 147 13.97 10.48 -19.75
N ILE C 148 13.25 9.33 -19.72
CA ILE C 148 12.51 8.82 -18.57
C ILE C 148 13.43 8.45 -17.40
N VAL C 149 14.63 7.91 -17.70
CA VAL C 149 15.62 7.54 -16.67
C VAL C 149 16.10 8.83 -15.97
N SER C 150 16.40 9.88 -16.77
CA SER C 150 16.87 11.20 -16.30
C SER C 150 15.81 11.96 -15.52
N ALA C 151 14.60 12.13 -16.12
CA ALA C 151 13.46 12.82 -15.51
C ALA C 151 13.02 12.16 -14.20
N LEU C 152 13.31 10.86 -14.03
CA LEU C 152 12.98 10.12 -12.82
C LEU C 152 14.07 10.31 -11.78
N ILE C 153 15.36 10.30 -12.21
CA ILE C 153 16.52 10.48 -11.33
C ILE C 153 16.51 11.87 -10.67
N SER C 154 15.98 12.90 -11.39
CA SER C 154 15.86 14.29 -10.94
C SER C 154 15.01 14.49 -9.65
N VAL C 155 14.18 13.50 -9.28
CA VAL C 155 13.32 13.55 -8.09
C VAL C 155 14.15 13.39 -6.80
N ILE C 156 15.09 12.41 -6.78
CA ILE C 156 16.01 12.02 -5.69
C ILE C 156 16.59 13.23 -4.87
N PRO C 157 17.15 14.32 -5.46
CA PRO C 157 17.71 15.40 -4.62
C PRO C 157 16.73 16.10 -3.69
N GLY C 158 15.49 16.27 -4.14
CA GLY C 158 14.42 16.88 -3.34
C GLY C 158 14.01 16.00 -2.17
N MET C 159 14.17 14.67 -2.37
CA MET C 159 13.89 13.64 -1.38
C MET C 159 15.07 13.44 -0.43
N LEU C 160 16.32 13.71 -0.88
CA LEU C 160 17.58 13.51 -0.14
C LEU C 160 17.54 13.87 1.35
N SER C 161 16.67 14.83 1.73
CA SER C 161 16.47 15.30 3.10
C SER C 161 15.57 14.31 3.88
N VAL C 162 14.44 13.93 3.26
CA VAL C 162 13.45 12.96 3.77
C VAL C 162 14.12 11.58 3.88
N ILE C 163 14.93 11.20 2.85
CA ILE C 163 15.71 9.94 2.76
C ILE C 163 16.68 9.87 3.95
N ALA C 164 17.44 10.98 4.17
CA ALA C 164 18.42 11.11 5.25
C ALA C 164 17.81 10.91 6.63
N LEU C 165 16.60 11.49 6.90
CA LEU C 165 15.93 11.32 8.19
C LEU C 165 15.41 9.88 8.38
N MET C 166 15.01 9.22 7.28
CA MET C 166 14.54 7.83 7.30
C MET C 166 15.69 6.87 7.66
N THR C 167 16.91 7.16 7.13
CA THR C 167 18.13 6.40 7.41
C THR C 167 18.50 6.65 8.86
N LEU C 168 18.50 7.94 9.27
CA LEU C 168 18.84 8.37 10.63
C LEU C 168 17.91 7.74 11.66
N PHE C 169 16.59 7.66 11.36
CA PHE C 169 15.60 7.03 12.22
C PHE C 169 15.84 5.54 12.34
N PHE C 170 16.26 4.90 11.24
CA PHE C 170 16.57 3.47 11.22
C PHE C 170 17.69 3.10 12.16
N TYR C 171 18.74 3.94 12.26
CA TYR C 171 19.88 3.71 13.12
C TYR C 171 19.51 3.65 14.60
N ILE C 172 18.62 4.57 15.04
CA ILE C 172 18.14 4.66 16.43
C ILE C 172 17.41 3.36 16.79
N PHE C 173 16.48 2.92 15.92
CA PHE C 173 15.70 1.70 16.08
C PHE C 173 16.57 0.44 15.97
N ALA C 174 17.56 0.43 15.05
CA ALA C 174 18.48 -0.68 14.85
C ALA C 174 19.38 -0.92 16.06
N ILE C 175 19.77 0.17 16.77
CA ILE C 175 20.58 0.12 17.99
C ILE C 175 19.71 -0.40 19.15
N MET C 176 18.42 0.00 19.15
CA MET C 176 17.42 -0.41 20.13
C MET C 176 17.03 -1.87 20.02
N ALA C 177 16.74 -2.35 18.78
CA ALA C 177 16.32 -3.73 18.52
C ALA C 177 17.33 -4.76 19.04
N THR C 178 18.61 -4.65 18.63
CA THR C 178 19.73 -5.52 19.07
C THR C 178 19.83 -5.57 20.58
N GLN C 179 19.74 -4.39 21.22
CA GLN C 179 19.80 -4.16 22.65
C GLN C 179 18.68 -4.95 23.33
N LEU C 180 17.42 -4.62 23.00
CA LEU C 180 16.22 -5.20 23.60
C LEU C 180 15.94 -6.68 23.31
N PHE C 181 15.86 -7.07 22.01
CA PHE C 181 15.46 -8.42 21.60
C PHE C 181 16.58 -9.38 21.23
N GLY C 182 17.63 -8.86 20.61
CA GLY C 182 18.81 -9.60 20.11
C GLY C 182 19.36 -10.78 20.89
N GLU C 183 19.10 -10.84 22.22
CA GLU C 183 19.57 -11.95 23.08
C GLU C 183 18.83 -13.25 22.71
N ARG C 184 17.50 -13.27 22.90
CA ARG C 184 16.63 -14.41 22.62
C ARG C 184 16.31 -14.57 21.13
N PHE C 185 16.46 -13.50 20.32
CA PHE C 185 16.15 -13.55 18.89
C PHE C 185 17.35 -13.14 18.00
N PRO C 186 18.51 -13.85 18.08
CA PRO C 186 19.67 -13.48 17.25
C PRO C 186 19.47 -13.69 15.74
N GLU C 187 18.59 -14.65 15.38
CA GLU C 187 18.24 -14.98 13.99
C GLU C 187 17.64 -13.78 13.23
N TRP C 188 17.08 -12.81 13.98
CA TRP C 188 16.48 -11.60 13.44
C TRP C 188 17.21 -10.34 13.89
N PHE C 189 17.68 -10.27 15.17
CA PHE C 189 18.29 -9.06 15.73
C PHE C 189 19.66 -9.24 16.42
N GLY C 190 20.48 -10.18 15.95
CA GLY C 190 21.82 -10.43 16.50
C GLY C 190 22.71 -9.21 16.43
N THR C 191 23.22 -8.91 15.22
CA THR C 191 24.03 -7.74 14.95
C THR C 191 23.09 -6.63 14.46
N LEU C 192 23.63 -5.39 14.34
CA LEU C 192 22.91 -4.23 13.81
C LEU C 192 22.55 -4.47 12.33
N GLY C 193 23.28 -5.39 11.71
CA GLY C 193 23.06 -5.82 10.34
C GLY C 193 21.74 -6.56 10.23
N GLU C 194 21.53 -7.55 11.11
CA GLU C 194 20.31 -8.35 11.21
C GLU C 194 19.15 -7.43 11.60
N SER C 195 19.41 -6.54 12.57
CA SER C 195 18.45 -5.57 13.10
C SER C 195 17.92 -4.64 12.02
N PHE C 196 18.81 -4.10 11.16
CA PHE C 196 18.45 -3.17 10.08
C PHE C 196 17.51 -3.80 9.05
N TYR C 197 17.79 -5.07 8.72
CA TYR C 197 17.06 -5.90 7.76
C TYR C 197 15.63 -6.21 8.22
N THR C 198 15.45 -6.75 9.44
CA THR C 198 14.15 -7.11 10.02
C THR C 198 13.24 -5.89 10.13
N LEU C 199 13.82 -4.73 10.50
CA LEU C 199 13.10 -3.46 10.64
C LEU C 199 12.61 -3.01 9.28
N PHE C 200 13.47 -3.09 8.23
CA PHE C 200 13.08 -2.75 6.86
C PHE C 200 11.90 -3.63 6.42
N GLN C 201 11.94 -4.92 6.79
CA GLN C 201 10.89 -5.89 6.49
C GLN C 201 9.60 -5.52 7.22
N VAL C 202 9.72 -5.16 8.51
CA VAL C 202 8.61 -4.72 9.36
C VAL C 202 8.00 -3.47 8.72
N MET C 203 8.87 -2.60 8.15
CA MET C 203 8.53 -1.37 7.43
C MET C 203 7.74 -1.67 6.15
N THR C 204 8.21 -2.65 5.34
CA THR C 204 7.54 -3.08 4.11
C THR C 204 6.24 -3.85 4.42
N LEU C 205 6.03 -4.14 5.73
CA LEU C 205 4.89 -4.83 6.36
C LEU C 205 4.85 -6.33 6.02
N GLU C 206 5.95 -6.88 5.44
CA GLU C 206 6.06 -8.30 5.09
C GLU C 206 6.12 -9.11 6.39
N SER C 207 5.11 -9.97 6.63
CA SER C 207 4.97 -10.80 7.82
C SER C 207 5.48 -10.15 9.12
N TRP C 208 5.20 -8.84 9.33
CA TRP C 208 5.70 -8.12 10.49
C TRP C 208 5.20 -8.71 11.81
N SER C 209 3.91 -9.12 11.86
CA SER C 209 3.27 -9.66 13.05
C SER C 209 3.39 -11.16 13.17
N MET C 210 2.76 -11.92 12.25
CA MET C 210 2.75 -13.39 12.28
C MET C 210 4.16 -13.96 12.32
N GLY C 211 5.03 -13.43 11.47
CA GLY C 211 6.41 -13.85 11.33
C GLY C 211 7.41 -13.29 12.32
N ILE C 212 7.27 -12.01 12.78
CA ILE C 212 8.27 -11.41 13.67
C ILE C 212 7.73 -10.96 15.05
N VAL C 213 6.73 -10.05 15.11
CA VAL C 213 6.22 -9.47 16.37
C VAL C 213 5.49 -10.49 17.28
N ARG C 214 4.54 -11.30 16.76
CA ARG C 214 3.82 -12.30 17.56
C ARG C 214 4.77 -13.34 18.22
N PRO C 215 5.79 -13.92 17.52
CA PRO C 215 6.73 -14.85 18.20
C PRO C 215 7.62 -14.14 19.22
N LEU C 216 7.81 -12.81 19.07
CA LEU C 216 8.56 -11.96 20.00
C LEU C 216 7.76 -11.77 21.27
N MET C 217 6.42 -11.69 21.15
CA MET C 217 5.49 -11.49 22.25
C MET C 217 5.28 -12.72 23.12
N GLU C 218 5.95 -13.83 22.77
CA GLU C 218 5.91 -15.06 23.55
C GLU C 218 6.96 -14.90 24.66
N VAL C 219 8.18 -14.48 24.26
CA VAL C 219 9.30 -14.22 25.16
C VAL C 219 9.06 -12.90 25.91
N TYR C 220 8.77 -11.82 25.15
CA TYR C 220 8.54 -10.47 25.69
C TYR C 220 7.11 -10.03 25.37
N PRO C 221 6.13 -10.10 26.31
CA PRO C 221 4.75 -9.70 25.98
C PRO C 221 4.53 -8.25 25.55
N TYR C 222 5.34 -7.32 26.05
CA TYR C 222 5.23 -5.89 25.70
C TYR C 222 6.28 -5.52 24.64
N ALA C 223 6.31 -6.28 23.53
CA ALA C 223 7.26 -6.07 22.43
C ALA C 223 6.70 -5.10 21.41
N TRP C 224 5.36 -5.13 21.19
CA TRP C 224 4.61 -4.27 20.27
C TRP C 224 4.88 -2.76 20.48
N VAL C 225 5.22 -2.39 21.73
CA VAL C 225 5.52 -1.01 22.16
C VAL C 225 6.72 -0.44 21.37
N PHE C 226 7.52 -1.32 20.74
CA PHE C 226 8.65 -0.92 19.90
C PHE C 226 8.30 -0.97 18.42
N PHE C 227 7.51 -1.97 18.01
CA PHE C 227 7.16 -2.18 16.61
C PHE C 227 5.98 -1.37 16.11
N ILE C 228 4.85 -1.33 16.84
CA ILE C 228 3.68 -0.51 16.46
C ILE C 228 4.14 0.96 16.22
N PRO C 229 4.87 1.62 17.16
CA PRO C 229 5.37 2.99 16.87
C PRO C 229 6.36 3.03 15.70
N PHE C 230 7.23 1.99 15.55
CA PHE C 230 8.17 1.94 14.41
C PHE C 230 7.39 1.96 13.12
N ILE C 231 6.28 1.19 13.04
CA ILE C 231 5.38 1.13 11.87
C ILE C 231 4.82 2.53 11.61
N PHE C 232 4.28 3.21 12.65
CA PHE C 232 3.70 4.54 12.56
C PHE C 232 4.72 5.58 12.09
N VAL C 233 5.89 5.67 12.74
CA VAL C 233 6.97 6.61 12.40
C VAL C 233 7.44 6.42 10.95
N VAL C 234 7.69 5.16 10.55
CA VAL C 234 8.11 4.73 9.21
C VAL C 234 7.11 5.14 8.15
N THR C 235 5.81 4.79 8.36
CA THR C 235 4.72 5.05 7.43
C THR C 235 4.49 6.55 7.29
N PHE C 236 4.61 7.30 8.40
CA PHE C 236 4.44 8.76 8.37
C PHE C 236 5.47 9.42 7.46
N VAL C 237 6.78 9.12 7.67
CA VAL C 237 7.90 9.62 6.88
C VAL C 237 7.71 9.21 5.42
N MET C 238 7.30 7.97 5.17
CA MET C 238 7.03 7.42 3.84
C MET C 238 5.94 8.18 3.11
N ILE C 239 4.79 8.44 3.79
CA ILE C 239 3.65 9.16 3.24
C ILE C 239 4.07 10.56 2.79
N ASN C 240 4.79 11.29 3.66
CA ASN C 240 5.28 12.64 3.43
C ASN C 240 6.24 12.74 2.27
N LEU C 241 7.04 11.70 2.04
CA LEU C 241 7.99 11.60 0.94
C LEU C 241 7.27 11.65 -0.43
N VAL C 242 6.25 10.78 -0.59
CA VAL C 242 5.42 10.66 -1.80
C VAL C 242 4.62 11.94 -2.05
N VAL C 243 4.04 12.52 -0.97
CA VAL C 243 3.24 13.76 -0.96
C VAL C 243 4.12 14.94 -1.41
N ALA C 244 5.40 14.95 -0.97
CA ALA C 244 6.37 15.97 -1.35
C ALA C 244 6.63 15.96 -2.85
N ILE C 245 6.68 14.74 -3.48
CA ILE C 245 6.87 14.57 -4.93
C ILE C 245 5.64 15.10 -5.67
N ILE C 246 4.42 14.81 -5.13
CA ILE C 246 3.13 15.25 -5.65
C ILE C 246 3.07 16.79 -5.64
N VAL C 247 3.40 17.39 -4.48
CA VAL C 247 3.39 18.82 -4.23
C VAL C 247 4.55 19.53 -5.00
N ASP C 248 5.72 18.90 -5.15
CA ASP C 248 6.84 19.48 -5.92
C ASP C 248 6.49 19.54 -7.41
N ALA C 249 5.74 18.53 -7.91
CA ALA C 249 5.27 18.47 -9.29
C ALA C 249 4.21 19.55 -9.52
N MET C 250 3.34 19.77 -8.50
CA MET C 250 2.27 20.76 -8.53
C MET C 250 2.78 22.19 -8.32
N ALA C 251 3.95 22.35 -7.69
CA ALA C 251 4.58 23.66 -7.44
C ALA C 251 5.10 24.24 -8.76
N ILE C 252 5.81 23.41 -9.56
CA ILE C 252 6.36 23.79 -10.86
C ILE C 252 5.22 23.92 -11.92
N LEU C 253 4.13 23.14 -11.77
CA LEU C 253 2.97 23.18 -12.68
C LEU C 253 2.17 24.47 -12.49
N ASN C 254 1.95 24.90 -11.23
CA ASN C 254 1.22 26.14 -10.91
C ASN C 254 2.04 27.38 -11.24
N GLN C 255 3.40 27.28 -11.20
CA GLN C 255 4.37 28.34 -11.50
C GLN C 255 4.21 28.87 -12.93
N LYS C 256 4.06 27.96 -13.91
CA LYS C 256 3.86 28.33 -15.32
C LYS C 256 2.43 28.83 -15.55
N GLU C 257 1.45 28.20 -14.86
CA GLU C 257 0.03 28.52 -14.90
C GLU C 257 -0.23 29.96 -14.38
N GLU C 258 0.45 30.34 -13.27
CA GLU C 258 0.37 31.65 -12.59
C GLU C 258 0.76 32.83 -13.49
N GLN C 259 1.94 32.76 -14.15
CA GLN C 259 2.46 33.81 -15.04
C GLN C 259 1.63 33.97 -16.32
N HIS C 260 1.04 32.85 -16.84
CA HIS C 260 0.18 32.85 -18.03
C HIS C 260 -1.06 33.74 -17.81
N ILE C 261 -1.70 33.59 -16.62
CA ILE C 261 -2.90 34.32 -16.19
C ILE C 261 -2.71 35.85 -16.18
N ILE C 262 -1.55 36.35 -15.67
CA ILE C 262 -1.19 37.77 -15.47
C ILE C 262 -1.60 38.74 -16.64
N ASP C 263 -0.98 38.60 -17.84
CA ASP C 263 -1.18 39.46 -19.02
C ASP C 263 -0.60 40.88 -18.83
N MET D 19 -40.52 -3.97 -43.39
CA MET D 19 -39.63 -4.71 -42.47
C MET D 19 -38.20 -4.11 -42.46
N TYR D 20 -38.10 -2.78 -42.66
CA TYR D 20 -36.86 -1.98 -42.67
C TYR D 20 -37.23 -0.53 -42.34
N LEU D 21 -38.49 -0.17 -42.55
CA LEU D 21 -39.04 1.16 -42.29
C LEU D 21 -39.38 1.32 -40.79
N ARG D 22 -40.06 0.29 -40.21
CA ARG D 22 -40.50 0.25 -38.81
C ARG D 22 -39.42 -0.24 -37.84
N ILE D 23 -38.56 -1.19 -38.28
CA ILE D 23 -37.51 -1.75 -37.45
C ILE D 23 -36.36 -0.74 -37.21
N THR D 24 -36.08 0.15 -38.19
CA THR D 24 -35.04 1.20 -38.08
C THR D 24 -35.22 2.11 -36.86
N ASN D 25 -36.48 2.35 -36.46
CA ASN D 25 -36.80 3.21 -35.31
C ASN D 25 -36.92 2.45 -33.98
N ILE D 26 -37.31 1.15 -34.02
CA ILE D 26 -37.46 0.33 -32.80
C ILE D 26 -36.09 -0.07 -32.20
N VAL D 27 -35.08 -0.33 -33.06
CA VAL D 27 -33.71 -0.70 -32.66
C VAL D 27 -33.03 0.50 -31.99
N GLU D 28 -33.18 1.72 -32.58
CA GLU D 28 -32.62 2.97 -32.05
C GLU D 28 -33.62 3.59 -31.06
N SER D 29 -34.07 2.78 -30.09
CA SER D 29 -35.03 3.17 -29.06
C SER D 29 -34.50 2.88 -27.65
N SER D 30 -35.10 3.52 -26.63
CA SER D 30 -34.77 3.30 -25.23
C SER D 30 -35.16 1.86 -24.88
N PHE D 31 -36.37 1.41 -25.31
CA PHE D 31 -36.86 0.03 -25.11
C PHE D 31 -35.83 -1.00 -25.53
N PHE D 32 -35.30 -0.93 -26.78
CA PHE D 32 -34.33 -1.90 -27.31
C PHE D 32 -32.99 -1.90 -26.60
N THR D 33 -32.46 -0.71 -26.23
CA THR D 33 -31.15 -0.65 -25.55
C THR D 33 -31.27 -1.15 -24.10
N LYS D 34 -32.34 -0.74 -23.36
CA LYS D 34 -32.59 -1.15 -21.98
C LYS D 34 -32.89 -2.67 -21.90
N PHE D 35 -33.72 -3.17 -22.82
CA PHE D 35 -34.10 -4.58 -22.90
C PHE D 35 -32.89 -5.46 -23.24
N ILE D 36 -31.99 -5.00 -24.12
CA ILE D 36 -30.81 -5.78 -24.49
C ILE D 36 -29.79 -5.80 -23.33
N ILE D 37 -29.76 -4.72 -22.50
CA ILE D 37 -28.91 -4.64 -21.30
C ILE D 37 -29.47 -5.61 -20.25
N TYR D 38 -30.82 -5.75 -20.18
CA TYR D 38 -31.54 -6.68 -19.31
C TYR D 38 -31.16 -8.11 -19.65
N LEU D 39 -31.09 -8.45 -20.95
CA LEU D 39 -30.72 -9.77 -21.45
C LEU D 39 -29.32 -10.19 -21.01
N ILE D 40 -28.37 -9.22 -20.94
CA ILE D 40 -26.98 -9.47 -20.50
C ILE D 40 -26.97 -9.80 -18.99
N VAL D 41 -27.68 -8.98 -18.18
CA VAL D 41 -27.81 -9.15 -16.72
C VAL D 41 -28.32 -10.55 -16.42
N LEU D 42 -29.37 -10.98 -17.14
CA LEU D 42 -29.97 -12.31 -17.01
C LEU D 42 -29.03 -13.43 -17.46
N ASN D 43 -28.13 -13.14 -18.41
CA ASN D 43 -27.13 -14.11 -18.86
C ASN D 43 -25.96 -14.19 -17.86
N MET D 44 -25.76 -13.14 -17.01
CA MET D 44 -24.71 -13.10 -15.98
C MET D 44 -25.14 -13.96 -14.81
N VAL D 45 -26.40 -13.77 -14.37
CA VAL D 45 -27.05 -14.50 -13.27
C VAL D 45 -27.02 -16.02 -13.57
N THR D 46 -27.40 -16.42 -14.80
CA THR D 46 -27.37 -17.82 -15.22
C THR D 46 -25.93 -18.37 -15.26
N MET D 47 -24.94 -17.51 -15.57
CA MET D 47 -23.54 -17.90 -15.60
C MET D 47 -22.97 -17.98 -14.17
N MET D 48 -23.57 -17.21 -13.23
CA MET D 48 -23.19 -17.15 -11.81
C MET D 48 -23.64 -18.36 -11.02
N VAL D 49 -24.89 -18.83 -11.29
CA VAL D 49 -25.53 -19.95 -10.59
C VAL D 49 -24.90 -21.33 -10.99
N GLU D 50 -23.62 -21.28 -11.42
CA GLU D 50 -22.78 -22.43 -11.74
C GLU D 50 -21.86 -22.67 -10.53
N LYS D 51 -21.56 -23.95 -10.22
CA LYS D 51 -20.72 -24.35 -9.08
C LYS D 51 -19.88 -25.59 -9.39
N GLU D 52 -19.01 -25.99 -8.44
CA GLU D 52 -18.16 -27.17 -8.59
C GLU D 52 -18.97 -28.47 -8.46
N GLY D 53 -20.09 -28.40 -7.73
CA GLY D 53 -21.04 -29.46 -7.42
C GLY D 53 -20.98 -30.71 -8.29
N GLN D 54 -21.70 -30.75 -9.43
CA GLN D 54 -22.58 -29.70 -9.94
C GLN D 54 -24.02 -30.21 -10.09
N SER D 55 -24.15 -31.43 -10.70
CA SER D 55 -25.34 -32.20 -11.11
C SER D 55 -25.35 -32.15 -12.63
N GLN D 56 -25.36 -33.32 -13.30
CA GLN D 56 -25.35 -33.38 -14.76
C GLN D 56 -26.57 -32.72 -15.39
N HIS D 57 -27.73 -32.80 -14.72
CA HIS D 57 -29.00 -32.18 -15.12
C HIS D 57 -28.86 -30.66 -15.08
N MET D 58 -28.19 -30.14 -14.02
CA MET D 58 -27.91 -28.71 -13.82
C MET D 58 -27.00 -28.18 -14.90
N THR D 59 -26.03 -29.00 -15.36
CA THR D 59 -25.09 -28.64 -16.41
C THR D 59 -25.84 -28.54 -17.74
N GLU D 60 -26.73 -29.51 -18.02
CA GLU D 60 -27.57 -29.57 -19.23
C GLU D 60 -28.60 -28.41 -19.26
N VAL D 61 -29.23 -28.11 -18.10
CA VAL D 61 -30.22 -27.03 -17.99
C VAL D 61 -29.54 -25.67 -18.20
N LEU D 62 -28.46 -25.38 -17.47
CA LEU D 62 -27.71 -24.14 -17.59
C LEU D 62 -27.12 -23.91 -18.97
N TYR D 63 -26.54 -24.97 -19.58
CA TYR D 63 -25.96 -24.90 -20.93
C TYR D 63 -27.03 -24.51 -21.96
N TRP D 64 -28.27 -25.02 -21.80
CA TRP D 64 -29.41 -24.73 -22.67
C TRP D 64 -29.95 -23.30 -22.50
N ILE D 65 -29.99 -22.79 -21.24
CA ILE D 65 -30.43 -21.41 -20.95
C ILE D 65 -29.49 -20.45 -21.70
N ASN D 66 -28.19 -20.80 -21.75
CA ASN D 66 -27.16 -20.04 -22.47
C ASN D 66 -27.41 -20.01 -23.95
N VAL D 67 -27.70 -21.18 -24.59
CA VAL D 67 -28.00 -21.31 -26.03
C VAL D 67 -29.11 -20.33 -26.42
N VAL D 68 -30.17 -20.21 -25.60
CA VAL D 68 -31.30 -19.28 -25.78
C VAL D 68 -30.79 -17.82 -25.90
N PHE D 69 -29.88 -17.40 -24.98
CA PHE D 69 -29.25 -16.08 -24.98
C PHE D 69 -28.27 -15.91 -26.15
N ILE D 70 -27.52 -16.99 -26.50
CA ILE D 70 -26.58 -16.98 -27.64
C ILE D 70 -27.38 -16.75 -28.92
N ILE D 71 -28.58 -17.38 -29.03
CA ILE D 71 -29.55 -17.23 -30.13
C ILE D 71 -30.08 -15.78 -30.11
N LEU D 72 -30.61 -15.33 -28.95
CA LEU D 72 -31.16 -13.97 -28.75
C LEU D 72 -30.18 -12.84 -29.10
N PHE D 73 -28.88 -13.00 -28.77
CA PHE D 73 -27.84 -12.00 -29.05
C PHE D 73 -27.44 -12.00 -30.53
N THR D 74 -27.67 -13.12 -31.26
CA THR D 74 -27.43 -13.23 -32.70
C THR D 74 -28.57 -12.47 -33.38
N ILE D 75 -29.82 -12.70 -32.90
CA ILE D 75 -31.06 -12.04 -33.33
C ILE D 75 -30.87 -10.52 -33.21
N GLU D 76 -30.26 -10.06 -32.09
CA GLU D 76 -29.95 -8.66 -31.81
C GLU D 76 -29.05 -8.04 -32.87
N ILE D 77 -27.92 -8.70 -33.18
CA ILE D 77 -26.92 -8.18 -34.13
C ILE D 77 -27.41 -8.20 -35.58
N ILE D 78 -28.27 -9.18 -35.96
CA ILE D 78 -28.86 -9.26 -37.30
C ILE D 78 -29.72 -8.00 -37.49
N LEU D 79 -30.60 -7.70 -36.50
CA LEU D 79 -31.45 -6.50 -36.47
C LEU D 79 -30.60 -5.24 -36.56
N ARG D 80 -29.44 -5.22 -35.85
CA ARG D 80 -28.48 -4.11 -35.80
C ARG D 80 -27.71 -3.93 -37.10
N ILE D 81 -27.44 -5.04 -37.82
CA ILE D 81 -26.75 -5.01 -39.11
C ILE D 81 -27.74 -4.49 -40.16
N TYR D 82 -28.95 -5.08 -40.23
CA TYR D 82 -29.96 -4.70 -41.21
C TYR D 82 -30.94 -3.61 -40.70
N VAL D 83 -30.37 -2.44 -40.35
CA VAL D 83 -30.95 -1.13 -39.96
C VAL D 83 -29.90 -0.06 -40.26
N HIS D 84 -28.62 -0.37 -39.91
CA HIS D 84 -27.44 0.44 -40.11
C HIS D 84 -26.74 0.07 -41.44
N ARG D 85 -27.26 -0.99 -42.12
CA ARG D 85 -26.82 -1.54 -43.41
C ARG D 85 -25.32 -1.90 -43.41
N ILE D 86 -24.46 -0.93 -43.75
CA ILE D 86 -23.00 -1.09 -43.81
C ILE D 86 -22.28 -0.11 -42.86
N SER D 87 -23.00 0.98 -42.49
CA SER D 87 -22.52 2.03 -41.58
C SER D 87 -22.35 1.50 -40.14
N PHE D 88 -22.89 0.29 -39.88
CA PHE D 88 -22.82 -0.46 -38.62
C PHE D 88 -21.34 -0.77 -38.32
N PHE D 89 -20.62 -1.21 -39.36
CA PHE D 89 -19.22 -1.64 -39.34
C PHE D 89 -18.22 -0.49 -39.16
N LYS D 90 -18.68 0.77 -39.27
CA LYS D 90 -17.85 1.96 -39.04
C LYS D 90 -17.58 2.08 -37.52
N ASP D 91 -18.65 1.90 -36.71
CA ASP D 91 -18.64 1.97 -35.24
C ASP D 91 -17.76 0.85 -34.66
N PRO D 92 -16.72 1.18 -33.85
CA PRO D 92 -15.89 0.11 -33.26
C PRO D 92 -16.62 -0.64 -32.14
N TRP D 93 -17.59 0.03 -31.50
CA TRP D 93 -18.41 -0.53 -30.42
C TRP D 93 -19.32 -1.62 -30.96
N SER D 94 -20.05 -1.34 -32.07
CA SER D 94 -20.94 -2.30 -32.76
C SER D 94 -20.12 -3.42 -33.38
N LEU D 95 -18.87 -3.11 -33.78
CA LEU D 95 -17.92 -4.06 -34.34
C LEU D 95 -17.56 -5.08 -33.27
N PHE D 96 -17.28 -4.62 -32.02
CA PHE D 96 -16.96 -5.46 -30.87
C PHE D 96 -18.12 -6.38 -30.54
N ASP D 97 -19.33 -5.80 -30.35
CA ASP D 97 -20.57 -6.51 -30.06
C ASP D 97 -20.85 -7.61 -31.07
N PHE D 98 -20.29 -7.46 -32.30
CA PHE D 98 -20.39 -8.40 -33.41
C PHE D 98 -19.34 -9.53 -33.24
N VAL D 99 -18.12 -9.20 -32.78
CA VAL D 99 -17.05 -10.17 -32.54
C VAL D 99 -17.48 -11.07 -31.36
N VAL D 100 -18.23 -10.47 -30.39
CA VAL D 100 -18.79 -11.09 -29.20
C VAL D 100 -19.71 -12.26 -29.58
N VAL D 101 -20.61 -12.03 -30.56
CA VAL D 101 -21.57 -13.04 -30.99
C VAL D 101 -20.91 -14.15 -31.83
N ILE D 102 -19.95 -13.80 -32.71
CA ILE D 102 -19.29 -14.79 -33.55
C ILE D 102 -18.38 -15.71 -32.70
N ILE D 103 -17.65 -15.14 -31.70
CA ILE D 103 -16.77 -15.86 -30.78
C ILE D 103 -17.60 -16.78 -29.86
N SER D 104 -18.82 -16.32 -29.51
CA SER D 104 -19.79 -17.04 -28.69
C SER D 104 -20.31 -18.25 -29.47
N ILE D 105 -20.76 -18.04 -30.72
CA ILE D 105 -21.29 -19.09 -31.60
C ILE D 105 -20.19 -20.12 -31.94
N VAL D 106 -19.01 -19.65 -32.37
CA VAL D 106 -17.86 -20.52 -32.71
C VAL D 106 -17.42 -21.35 -31.49
N GLY D 107 -17.33 -20.68 -30.34
CA GLY D 107 -16.96 -21.29 -29.06
C GLY D 107 -17.94 -22.35 -28.60
N MET D 108 -19.25 -22.05 -28.72
CA MET D 108 -20.38 -22.93 -28.37
C MET D 108 -20.22 -24.33 -28.96
N PHE D 109 -19.95 -24.40 -30.29
CA PHE D 109 -19.76 -25.65 -31.02
C PHE D 109 -18.35 -26.22 -30.83
N LEU D 110 -17.33 -25.35 -30.74
CA LEU D 110 -15.93 -25.77 -30.54
C LEU D 110 -15.79 -26.55 -29.21
N ALA D 111 -16.43 -26.03 -28.14
CA ALA D 111 -16.44 -26.65 -26.81
C ALA D 111 -17.23 -27.96 -26.81
N ASP D 112 -18.41 -27.97 -27.47
CA ASP D 112 -19.31 -29.13 -27.59
C ASP D 112 -18.64 -30.30 -28.30
N LEU D 113 -17.91 -30.02 -29.41
CA LEU D 113 -17.19 -31.03 -30.18
C LEU D 113 -16.14 -31.75 -29.31
N ILE D 114 -15.44 -31.01 -28.44
CA ILE D 114 -14.42 -31.54 -27.51
C ILE D 114 -15.09 -32.39 -26.41
N GLU D 115 -16.19 -31.88 -25.81
CA GLU D 115 -16.94 -32.56 -24.74
C GLU D 115 -17.44 -33.94 -25.17
N THR D 116 -18.05 -34.03 -26.36
CA THR D 116 -18.62 -35.26 -26.92
C THR D 116 -17.55 -36.32 -27.26
N TYR D 117 -16.43 -35.89 -27.89
CA TYR D 117 -15.35 -36.80 -28.29
C TYR D 117 -14.29 -37.01 -27.19
N PRO D 121 -10.87 -32.36 -21.86
CA PRO D 121 -10.85 -32.41 -20.39
C PRO D 121 -10.44 -31.07 -19.76
N THR D 122 -9.16 -30.67 -19.95
CA THR D 122 -8.60 -29.42 -19.46
C THR D 122 -8.73 -28.35 -20.54
N LEU D 123 -8.74 -28.75 -21.83
CA LEU D 123 -8.90 -27.87 -22.97
C LEU D 123 -10.36 -27.36 -23.02
N PHE D 124 -11.30 -28.20 -22.57
CA PHE D 124 -12.72 -27.88 -22.50
C PHE D 124 -13.00 -26.65 -21.61
N ARG D 125 -12.25 -26.50 -20.49
CA ARG D 125 -12.39 -25.36 -19.58
C ARG D 125 -11.82 -24.10 -20.23
N VAL D 126 -10.60 -24.23 -20.81
CA VAL D 126 -9.86 -23.16 -21.47
C VAL D 126 -10.65 -22.59 -22.66
N ILE D 127 -11.37 -23.43 -23.42
CA ILE D 127 -12.18 -22.96 -24.55
C ILE D 127 -13.45 -22.25 -24.03
N ARG D 128 -14.20 -22.89 -23.12
CA ARG D 128 -15.45 -22.41 -22.52
C ARG D 128 -15.44 -20.96 -22.03
N LEU D 129 -14.25 -20.33 -21.80
CA LEU D 129 -14.21 -18.93 -21.34
C LEU D 129 -14.61 -17.91 -22.45
N ALA D 130 -15.05 -18.42 -23.63
CA ALA D 130 -15.56 -17.61 -24.73
C ALA D 130 -16.95 -17.07 -24.35
N ARG D 131 -17.60 -17.71 -23.34
CA ARG D 131 -18.92 -17.33 -22.80
C ARG D 131 -18.85 -15.95 -22.16
N ILE D 132 -17.66 -15.57 -21.65
CA ILE D 132 -17.35 -14.29 -21.00
C ILE D 132 -17.52 -13.11 -21.97
N GLY D 133 -17.34 -13.36 -23.28
CA GLY D 133 -17.53 -12.35 -24.32
C GLY D 133 -18.88 -11.66 -24.24
N ARG D 134 -19.95 -12.46 -24.07
CA ARG D 134 -21.33 -11.99 -23.95
C ARG D 134 -21.55 -11.19 -22.68
N ILE D 135 -20.73 -11.46 -21.65
CA ILE D 135 -20.83 -10.84 -20.34
C ILE D 135 -19.94 -9.59 -20.22
N LEU D 136 -18.83 -9.57 -20.97
CA LEU D 136 -17.85 -8.49 -21.06
C LEU D 136 -18.51 -7.26 -21.67
N ARG D 137 -19.52 -7.48 -22.51
CA ARG D 137 -20.34 -6.47 -23.17
C ARG D 137 -21.05 -5.54 -22.17
N LEU D 138 -21.08 -5.89 -20.86
CA LEU D 138 -21.72 -5.06 -19.83
C LEU D 138 -21.08 -3.69 -19.69
N VAL D 139 -19.73 -3.60 -19.81
CA VAL D 139 -19.04 -2.31 -19.71
C VAL D 139 -19.31 -1.45 -20.95
N THR D 140 -19.23 -2.06 -22.15
CA THR D 140 -19.42 -1.37 -23.42
C THR D 140 -20.89 -1.02 -23.70
N ALA D 141 -21.83 -1.91 -23.34
CA ALA D 141 -23.27 -1.71 -23.57
C ALA D 141 -23.91 -0.70 -22.65
N VAL D 142 -23.54 -0.69 -21.36
CA VAL D 142 -24.14 0.25 -20.40
C VAL D 142 -23.58 1.65 -20.68
N PRO D 143 -24.45 2.60 -21.10
CA PRO D 143 -23.95 3.94 -21.45
C PRO D 143 -23.75 4.83 -20.22
N GLN D 144 -22.63 4.58 -19.52
CA GLN D 144 -22.07 5.23 -18.32
C GLN D 144 -20.86 4.41 -17.89
N MET D 145 -20.94 3.07 -18.05
CA MET D 145 -19.86 2.11 -17.81
C MET D 145 -18.86 2.24 -18.96
N ARG D 146 -19.39 2.70 -20.09
CA ARG D 146 -18.70 2.99 -21.34
C ARG D 146 -17.71 4.12 -21.06
N LYS D 147 -18.20 5.19 -20.38
CA LYS D 147 -17.47 6.40 -19.99
C LYS D 147 -16.31 6.15 -19.03
N ILE D 148 -16.59 5.48 -17.87
CA ILE D 148 -15.60 5.19 -16.81
C ILE D 148 -14.46 4.34 -17.36
N VAL D 149 -14.73 3.44 -18.34
CA VAL D 149 -13.74 2.58 -18.99
C VAL D 149 -12.72 3.40 -19.81
N SER D 150 -13.24 4.27 -20.72
CA SER D 150 -12.41 5.12 -21.59
C SER D 150 -11.68 6.23 -20.83
N ALA D 151 -12.24 6.66 -19.67
CA ALA D 151 -11.62 7.65 -18.79
C ALA D 151 -10.37 7.03 -18.13
N LEU D 152 -10.35 5.68 -17.99
CA LEU D 152 -9.23 4.93 -17.45
C LEU D 152 -8.26 4.59 -18.57
N ILE D 153 -8.77 4.37 -19.79
CA ILE D 153 -7.97 4.04 -20.98
C ILE D 153 -7.03 5.20 -21.35
N SER D 154 -7.56 6.43 -21.41
CA SER D 154 -6.83 7.67 -21.75
C SER D 154 -5.59 7.96 -20.87
N VAL D 155 -5.52 7.32 -19.68
CA VAL D 155 -4.44 7.46 -18.71
C VAL D 155 -3.17 6.76 -19.21
N ILE D 156 -3.31 5.48 -19.64
CA ILE D 156 -2.27 4.55 -20.12
C ILE D 156 -1.24 5.19 -21.11
N PRO D 157 -1.61 5.98 -22.18
CA PRO D 157 -0.56 6.56 -23.05
C PRO D 157 0.59 7.30 -22.34
N GLY D 158 0.27 8.08 -21.30
CA GLY D 158 1.23 8.81 -20.49
C GLY D 158 2.13 7.90 -19.68
N MET D 159 1.54 6.79 -19.19
CA MET D 159 2.18 5.75 -18.38
C MET D 159 3.16 4.89 -19.18
N LEU D 160 2.88 4.66 -20.49
CA LEU D 160 3.64 3.82 -21.43
C LEU D 160 5.16 3.98 -21.38
N SER D 161 5.62 5.21 -21.12
CA SER D 161 7.04 5.54 -21.00
C SER D 161 7.62 4.84 -19.77
N VAL D 162 7.00 5.09 -18.59
CA VAL D 162 7.36 4.56 -17.28
C VAL D 162 7.29 3.02 -17.26
N ILE D 163 6.25 2.44 -17.90
CA ILE D 163 6.04 0.98 -17.99
C ILE D 163 7.21 0.32 -18.74
N ALA D 164 7.51 0.82 -19.97
CA ALA D 164 8.59 0.33 -20.83
C ALA D 164 9.93 0.24 -20.10
N LEU D 165 10.24 1.26 -19.26
CA LEU D 165 11.45 1.33 -18.43
C LEU D 165 11.41 0.29 -17.32
N MET D 166 10.24 0.15 -16.64
CA MET D 166 9.98 -0.80 -15.55
C MET D 166 10.07 -2.25 -16.07
N THR D 167 9.66 -2.48 -17.32
CA THR D 167 9.70 -3.77 -18.02
C THR D 167 11.14 -4.16 -18.25
N LEU D 168 11.94 -3.23 -18.80
CA LEU D 168 13.35 -3.44 -19.10
C LEU D 168 14.17 -3.68 -17.83
N PHE D 169 13.87 -2.93 -16.74
CA PHE D 169 14.53 -3.11 -15.44
C PHE D 169 14.29 -4.53 -14.95
N PHE D 170 13.05 -5.03 -15.14
CA PHE D 170 12.64 -6.38 -14.82
C PHE D 170 13.48 -7.39 -15.57
N TYR D 171 13.72 -7.18 -16.89
CA TYR D 171 14.55 -8.07 -17.71
C TYR D 171 15.96 -8.20 -17.17
N ILE D 172 16.65 -7.06 -16.89
CA ILE D 172 18.01 -7.02 -16.34
C ILE D 172 18.06 -7.79 -15.02
N PHE D 173 17.13 -7.47 -14.10
CA PHE D 173 17.03 -8.13 -12.80
C PHE D 173 16.68 -9.62 -12.95
N ALA D 174 15.91 -9.99 -14.01
CA ALA D 174 15.50 -11.37 -14.32
C ALA D 174 16.65 -12.22 -14.84
N ILE D 175 17.46 -11.64 -15.79
CA ILE D 175 18.64 -12.29 -16.36
C ILE D 175 19.68 -12.51 -15.26
N MET D 176 19.75 -11.57 -14.30
CA MET D 176 20.66 -11.63 -13.17
C MET D 176 20.27 -12.73 -12.18
N ALA D 177 18.98 -12.79 -11.81
CA ALA D 177 18.42 -13.74 -10.86
C ALA D 177 18.70 -15.21 -11.24
N THR D 178 18.56 -15.56 -12.54
CA THR D 178 18.83 -16.89 -13.09
C THR D 178 20.32 -17.20 -12.95
N GLN D 179 21.16 -16.25 -13.36
CA GLN D 179 22.62 -16.33 -13.36
C GLN D 179 23.18 -16.50 -11.94
N LEU D 180 22.61 -15.77 -10.98
CA LEU D 180 23.04 -15.78 -9.57
C LEU D 180 22.45 -16.94 -8.76
N PHE D 181 21.10 -17.01 -8.71
CA PHE D 181 20.37 -17.98 -7.90
C PHE D 181 19.48 -18.95 -8.67
N GLY D 182 19.62 -19.01 -10.00
CA GLY D 182 18.82 -19.92 -10.80
C GLY D 182 19.24 -21.38 -10.68
N GLU D 183 20.51 -21.61 -10.33
CA GLU D 183 21.13 -22.92 -10.19
C GLU D 183 20.64 -23.66 -8.95
N ARG D 184 21.06 -23.20 -7.74
CA ARG D 184 20.72 -23.81 -6.45
C ARG D 184 19.25 -23.66 -6.05
N PHE D 185 18.56 -22.61 -6.56
CA PHE D 185 17.14 -22.36 -6.31
C PHE D 185 16.37 -22.33 -7.65
N PRO D 186 16.13 -23.49 -8.31
CA PRO D 186 15.42 -23.46 -9.60
C PRO D 186 13.91 -23.32 -9.48
N GLU D 187 13.36 -23.58 -8.28
CA GLU D 187 11.92 -23.51 -7.96
C GLU D 187 11.36 -22.10 -8.15
N TRP D 188 12.22 -21.08 -7.94
CA TRP D 188 11.89 -19.67 -8.07
C TRP D 188 12.69 -18.95 -9.15
N PHE D 189 13.90 -19.46 -9.51
CA PHE D 189 14.76 -18.75 -10.46
C PHE D 189 15.41 -19.55 -11.61
N GLY D 190 15.08 -20.83 -11.76
CA GLY D 190 15.63 -21.70 -12.80
C GLY D 190 15.57 -21.20 -14.24
N THR D 191 14.39 -20.75 -14.67
CA THR D 191 14.10 -20.19 -16.01
C THR D 191 14.12 -18.66 -15.91
N LEU D 192 14.10 -17.94 -17.05
CA LEU D 192 14.00 -16.48 -17.08
C LEU D 192 12.60 -16.10 -16.59
N GLY D 193 11.57 -16.74 -17.15
CA GLY D 193 10.18 -16.52 -16.76
C GLY D 193 9.89 -16.90 -15.33
N GLU D 194 10.56 -17.97 -14.84
CA GLU D 194 10.50 -18.49 -13.47
C GLU D 194 11.03 -17.39 -12.52
N SER D 195 12.13 -16.71 -12.94
CA SER D 195 12.75 -15.59 -12.23
C SER D 195 11.86 -14.37 -12.32
N PHE D 196 11.29 -14.09 -13.51
CA PHE D 196 10.38 -12.96 -13.76
C PHE D 196 9.20 -12.99 -12.78
N TYR D 197 8.63 -14.19 -12.53
CA TYR D 197 7.53 -14.43 -11.61
C TYR D 197 7.87 -14.05 -10.16
N THR D 198 9.00 -14.55 -9.64
CA THR D 198 9.47 -14.28 -8.28
C THR D 198 9.78 -12.79 -8.11
N LEU D 199 10.29 -12.12 -9.16
CA LEU D 199 10.58 -10.69 -9.10
C LEU D 199 9.31 -9.90 -9.01
N PHE D 200 8.22 -10.39 -9.62
CA PHE D 200 6.92 -9.74 -9.52
C PHE D 200 6.36 -9.97 -8.12
N GLN D 201 6.53 -11.19 -7.58
CA GLN D 201 6.08 -11.54 -6.23
C GLN D 201 6.80 -10.68 -5.18
N VAL D 202 8.12 -10.47 -5.36
CA VAL D 202 8.96 -9.62 -4.49
C VAL D 202 8.54 -8.13 -4.66
N MET D 203 8.13 -7.71 -5.89
CA MET D 203 7.67 -6.35 -6.19
C MET D 203 6.37 -6.04 -5.45
N THR D 204 5.38 -6.95 -5.51
CA THR D 204 4.11 -6.78 -4.79
C THR D 204 4.33 -6.90 -3.27
N LEU D 205 5.61 -7.15 -2.86
CA LEU D 205 6.13 -7.29 -1.50
C LEU D 205 5.58 -8.51 -0.76
N GLU D 206 4.90 -9.39 -1.50
CA GLU D 206 4.28 -10.59 -0.99
C GLU D 206 5.31 -11.66 -0.59
N SER D 207 5.44 -11.90 0.74
CA SER D 207 6.36 -12.86 1.36
C SER D 207 7.81 -12.77 0.84
N TRP D 208 8.24 -11.57 0.39
CA TRP D 208 9.57 -11.35 -0.17
C TRP D 208 10.71 -11.74 0.78
N SER D 209 10.57 -11.52 2.10
CA SER D 209 11.64 -11.81 3.05
C SER D 209 11.56 -13.16 3.72
N MET D 210 10.48 -13.45 4.44
CA MET D 210 10.30 -14.72 5.16
C MET D 210 10.28 -15.96 4.23
N GLY D 211 9.61 -15.81 3.08
CA GLY D 211 9.44 -16.85 2.09
C GLY D 211 10.42 -16.91 0.94
N ILE D 212 11.13 -15.79 0.62
CA ILE D 212 12.07 -15.79 -0.52
C ILE D 212 13.50 -15.36 -0.16
N VAL D 213 13.73 -14.10 0.30
CA VAL D 213 15.08 -13.54 0.55
C VAL D 213 15.78 -14.17 1.78
N ARG D 214 15.12 -14.27 2.97
CA ARG D 214 15.73 -14.91 4.15
C ARG D 214 16.15 -16.37 3.86
N PRO D 215 15.31 -17.24 3.21
CA PRO D 215 15.78 -18.61 2.91
C PRO D 215 16.88 -18.66 1.85
N LEU D 216 16.95 -17.64 0.97
CA LEU D 216 17.98 -17.49 -0.07
C LEU D 216 19.33 -17.17 0.57
N MET D 217 19.30 -16.56 1.77
CA MET D 217 20.46 -16.15 2.53
C MET D 217 21.04 -17.26 3.40
N GLU D 218 20.40 -18.43 3.38
CA GLU D 218 20.92 -19.60 4.07
C GLU D 218 22.05 -20.10 3.17
N VAL D 219 21.77 -20.14 1.86
CA VAL D 219 22.70 -20.55 0.82
C VAL D 219 23.64 -19.39 0.48
N TYR D 220 23.08 -18.20 0.16
CA TYR D 220 23.85 -17.01 -0.18
C TYR D 220 23.68 -15.91 0.89
N PRO D 221 24.59 -15.81 1.88
CA PRO D 221 24.42 -14.80 2.96
C PRO D 221 24.28 -13.33 2.57
N TYR D 222 24.81 -12.93 1.39
CA TYR D 222 24.76 -11.56 0.90
C TYR D 222 23.85 -11.43 -0.30
N ALA D 223 22.70 -12.12 -0.25
CA ALA D 223 21.69 -12.09 -1.31
C ALA D 223 20.81 -10.84 -1.22
N TRP D 224 20.68 -10.27 0.01
CA TRP D 224 19.89 -9.07 0.34
C TRP D 224 20.35 -7.85 -0.45
N VAL D 225 21.64 -7.81 -0.85
CA VAL D 225 22.25 -6.73 -1.62
C VAL D 225 21.79 -6.80 -3.12
N PHE D 226 20.85 -7.74 -3.46
CA PHE D 226 20.23 -7.84 -4.77
C PHE D 226 18.77 -7.44 -4.63
N PHE D 227 18.07 -7.99 -3.61
CA PHE D 227 16.65 -7.79 -3.44
C PHE D 227 16.26 -6.45 -2.84
N ILE D 228 16.96 -5.95 -1.78
CA ILE D 228 16.64 -4.62 -1.20
C ILE D 228 16.91 -3.53 -2.28
N PRO D 229 18.08 -3.51 -3.02
CA PRO D 229 18.24 -2.55 -4.12
C PRO D 229 17.21 -2.75 -5.23
N PHE D 230 16.68 -3.99 -5.44
CA PHE D 230 15.62 -4.24 -6.41
C PHE D 230 14.31 -3.62 -5.92
N ILE D 231 14.01 -3.74 -4.60
CA ILE D 231 12.82 -3.18 -3.94
C ILE D 231 12.76 -1.68 -4.25
N PHE D 232 13.78 -0.89 -3.81
CA PHE D 232 13.90 0.55 -4.01
C PHE D 232 13.74 1.01 -5.46
N VAL D 233 14.49 0.39 -6.41
CA VAL D 233 14.45 0.70 -7.85
C VAL D 233 13.02 0.61 -8.38
N VAL D 234 12.34 -0.52 -8.12
CA VAL D 234 10.98 -0.83 -8.56
C VAL D 234 9.91 0.02 -7.83
N THR D 235 10.09 0.30 -6.52
CA THR D 235 9.15 1.10 -5.72
C THR D 235 9.22 2.58 -6.10
N PHE D 236 10.43 3.09 -6.38
CA PHE D 236 10.62 4.48 -6.81
C PHE D 236 9.84 4.72 -8.11
N VAL D 237 10.02 3.83 -9.11
CA VAL D 237 9.35 3.85 -10.42
C VAL D 237 7.84 3.76 -10.22
N MET D 238 7.40 2.90 -9.28
CA MET D 238 6.00 2.72 -8.91
C MET D 238 5.37 4.02 -8.44
N ILE D 239 5.95 4.66 -7.38
CA ILE D 239 5.52 5.93 -6.79
C ILE D 239 5.33 6.98 -7.89
N ASN D 240 6.36 7.17 -8.75
CA ASN D 240 6.38 8.13 -9.85
C ASN D 240 5.27 7.91 -10.84
N LEU D 241 4.92 6.64 -11.13
CA LEU D 241 3.82 6.32 -12.04
C LEU D 241 2.49 6.79 -11.45
N VAL D 242 2.24 6.47 -10.15
CA VAL D 242 1.05 6.85 -9.38
C VAL D 242 0.95 8.39 -9.29
N VAL D 243 2.11 9.05 -9.01
CA VAL D 243 2.29 10.50 -8.92
C VAL D 243 1.96 11.13 -10.30
N ALA D 244 2.42 10.49 -11.40
CA ALA D 244 2.17 10.93 -12.78
C ALA D 244 0.70 10.95 -13.13
N ILE D 245 -0.06 9.92 -12.69
CA ILE D 245 -1.52 9.80 -12.90
C ILE D 245 -2.24 10.98 -12.26
N ILE D 246 -1.73 11.47 -11.10
CA ILE D 246 -2.27 12.63 -10.37
C ILE D 246 -2.04 13.92 -11.17
N VAL D 247 -0.77 14.25 -11.47
CA VAL D 247 -0.34 15.42 -12.24
C VAL D 247 -1.07 15.48 -13.59
N ASP D 248 -1.15 14.34 -14.31
CA ASP D 248 -1.87 14.21 -15.60
C ASP D 248 -3.34 14.65 -15.45
N ALA D 249 -3.97 14.29 -14.32
CA ALA D 249 -5.35 14.63 -13.98
C ALA D 249 -5.47 16.04 -13.36
N MET D 250 -4.33 16.62 -12.91
CA MET D 250 -4.27 17.98 -12.33
C MET D 250 -4.20 19.02 -13.44
N ALA D 251 -3.70 18.61 -14.62
CA ALA D 251 -3.63 19.42 -15.81
C ALA D 251 -5.04 19.59 -16.38
N ILE D 252 -6.00 18.74 -15.92
CA ILE D 252 -7.41 18.73 -16.28
C ILE D 252 -8.21 19.74 -15.40
N LEU D 253 -7.94 19.76 -14.08
CA LEU D 253 -8.57 20.68 -13.11
C LEU D 253 -8.17 22.13 -13.36
N ASN D 254 -6.85 22.37 -13.50
CA ASN D 254 -6.25 23.69 -13.70
C ASN D 254 -6.49 24.31 -15.07
N GLN D 255 -6.64 23.49 -16.13
CA GLN D 255 -6.87 23.99 -17.49
C GLN D 255 -8.29 24.52 -17.69
N LYS D 256 -9.30 23.82 -17.12
CA LYS D 256 -10.70 24.28 -17.19
C LYS D 256 -10.93 25.49 -16.26
N GLU D 257 -9.99 25.69 -15.30
CA GLU D 257 -9.96 26.81 -14.35
C GLU D 257 -9.22 28.00 -15.00
N GLU D 258 -8.16 27.73 -15.80
CA GLU D 258 -7.35 28.73 -16.52
C GLU D 258 -8.20 29.45 -17.56
N GLN D 259 -8.98 28.70 -18.38
CA GLN D 259 -9.87 29.27 -19.40
C GLN D 259 -11.04 30.04 -18.77
N HIS D 260 -11.53 29.55 -17.61
CA HIS D 260 -12.61 30.16 -16.82
C HIS D 260 -12.12 31.52 -16.27
N ILE D 261 -10.82 31.58 -15.86
CA ILE D 261 -10.16 32.80 -15.37
C ILE D 261 -9.73 33.65 -16.60
N ILE D 262 -10.74 34.30 -17.21
CA ILE D 262 -10.63 35.17 -18.38
C ILE D 262 -11.75 36.25 -18.29
N ASP D 263 -13.03 35.81 -18.33
CA ASP D 263 -14.26 36.61 -18.26
C ASP D 263 -14.29 37.83 -19.22
#